data_6OHM
#
_entry.id   6OHM
#
_cell.length_a   92.515
_cell.length_b   132.242
_cell.length_c   107.089
_cell.angle_alpha   90.00
_cell.angle_beta   111.45
_cell.angle_gamma   90.00
#
_symmetry.space_group_name_H-M   'C 1 2 1'
#
loop_
_entity.id
_entity.type
_entity.pdbx_description
1 polymer 'Phospholipase D2'
2 non-polymer TUNGSTATE(VI)ION
3 non-polymer 'SULFATE ION'
4 non-polymer GLYCEROL
5 water water
#
_entity_poly.entity_id   1
_entity_poly.type   'polypeptide(L)'
_entity_poly.pdbx_seq_one_letter_code
;SSYRQARWWAQEITELAQGPGRDFLQLHRHDSYAPPRPGTLARWFVNGAGYFAAVADAILRAQEEIFITDWWLSPEVYLK
RPAHSDDWRLDIMLKRKAEEGVRVSILLFKEVELALGINSGYSKRALMLLHPNIKVMRHPDQVTLWAHHEKLLVVDQVVA
FLGGLDLAYGRWDDLHYRLTDLGDSSESAASQPPTPRPDSPATPDLSHNQFFWLGKDYSNLITKDWVQLDRPFEDFIDRE
TTPRMPWRDVGVVVHGLPARDLARHFIQRWNFTKTTKAKYKTPTYPYLLPKSTSTANQLPFTLPGGQCTTVQVLRSVDRW
SAGTLENSILNAYLHTIRESQHFLYIENQFFISCSDGRTVLNKVGDEIVDRILKAHKQGWCYRVYVLLPLLPGFEGDIST
GGGNSIQAILHFTYRTLCRGEYSILHRLKAAMGTAWRDYISICGLRTHGELGGHPVSELIYIHSKVLIADDRTVIIGSAN
INDRSLLGKRDSELAVLIEDTETEPSLMNGAEYQAGRFALSLRKHCFGVILGANTRPDLDLRDPICDDFFQLWQDMAESN
ANIYEQIFRCLPSNATRSLRTLREYVAVEPLATVSPPLARSELTQVQGHLVHFPLKFLEDESLLPPLGSKEGMIPLEVWT
;
_entity_poly.pdbx_strand_id   A,B
#
loop_
_chem_comp.id
_chem_comp.type
_chem_comp.name
_chem_comp.formula
GOL non-polymer GLYCEROL 'C3 H8 O3'
SO4 non-polymer 'SULFATE ION' 'O4 S -2'
WO4 non-polymer TUNGSTATE(VI)ION 'O4 W -2'
#
# COMPACT_ATOMS: atom_id res chain seq x y z
N ASP A 23 22.20 1.25 -6.28
CA ASP A 23 21.13 0.81 -7.18
C ASP A 23 20.03 0.06 -6.44
N PHE A 24 20.35 -0.43 -5.23
CA PHE A 24 19.44 -1.32 -4.52
C PHE A 24 19.30 -0.92 -3.05
N LEU A 25 19.51 0.35 -2.75
CA LEU A 25 19.24 0.87 -1.41
C LEU A 25 17.82 1.41 -1.26
N GLN A 26 17.04 1.43 -2.34
CA GLN A 26 15.74 2.07 -2.34
C GLN A 26 15.02 1.73 -3.64
N LEU A 27 13.69 1.69 -3.57
CA LEU A 27 12.88 1.35 -4.73
C LEU A 27 12.94 2.47 -5.78
N HIS A 28 12.42 2.16 -6.96
CA HIS A 28 12.62 3.00 -8.14
C HIS A 28 11.28 3.21 -8.84
N ARG A 29 11.32 3.59 -10.12
CA ARG A 29 10.11 3.80 -10.91
C ARG A 29 9.22 2.57 -10.86
N HIS A 30 7.91 2.80 -10.77
CA HIS A 30 6.90 1.75 -10.62
C HIS A 30 7.11 0.94 -9.34
N ASP A 31 7.83 1.51 -8.37
CA ASP A 31 8.15 0.85 -7.10
C ASP A 31 8.88 -0.48 -7.33
N SER A 32 9.73 -0.51 -8.35
CA SER A 32 10.52 -1.71 -8.63
C SER A 32 11.81 -1.70 -7.82
N TYR A 33 12.33 -2.91 -7.58
CA TYR A 33 13.63 -3.02 -6.91
C TYR A 33 14.78 -2.59 -7.81
N ALA A 34 14.57 -2.56 -9.13
CA ALA A 34 15.63 -2.25 -10.08
C ALA A 34 15.31 -0.98 -10.85
N PRO A 35 16.30 -0.13 -11.11
CA PRO A 35 16.06 1.10 -11.87
C PRO A 35 16.07 0.83 -13.36
N PRO A 36 15.48 1.70 -14.16
CA PRO A 36 15.59 1.58 -15.62
C PRO A 36 17.04 1.64 -16.05
N ARG A 37 17.37 0.88 -17.09
CA ARG A 37 18.74 0.74 -17.58
C ARG A 37 18.84 1.20 -19.02
N PRO A 38 19.27 2.44 -19.27
CA PRO A 38 19.42 2.90 -20.66
C PRO A 38 20.58 2.19 -21.35
N GLY A 39 20.51 2.18 -22.69
CA GLY A 39 21.56 1.55 -23.47
C GLY A 39 21.64 0.06 -23.32
N THR A 40 20.51 -0.60 -23.13
CA THR A 40 20.46 -2.06 -22.95
C THR A 40 20.19 -2.73 -24.28
N LEU A 41 21.02 -3.72 -24.62
CA LEU A 41 20.80 -4.52 -25.82
C LEU A 41 19.75 -5.59 -25.52
N ALA A 42 18.64 -5.58 -26.26
CA ALA A 42 17.55 -6.51 -26.02
C ALA A 42 17.04 -7.06 -27.35
N ARG A 43 16.57 -8.30 -27.31
CA ARG A 43 16.04 -8.97 -28.48
C ARG A 43 14.83 -9.81 -28.09
N TRP A 44 13.72 -9.63 -28.80
CA TRP A 44 12.50 -10.39 -28.50
C TRP A 44 12.48 -11.69 -29.29
N PHE A 45 11.72 -12.66 -28.76
CA PHE A 45 11.49 -13.93 -29.43
C PHE A 45 10.00 -14.22 -29.43
N VAL A 46 9.47 -14.61 -30.59
CA VAL A 46 8.12 -15.13 -30.71
C VAL A 46 8.23 -16.62 -30.99
N ASN A 47 7.60 -17.44 -30.14
CA ASN A 47 7.62 -18.90 -30.18
C ASN A 47 8.92 -19.47 -29.62
N GLY A 48 8.89 -20.75 -29.22
CA GLY A 48 10.01 -21.35 -28.51
C GLY A 48 11.21 -21.68 -29.36
N ALA A 49 11.04 -21.85 -30.68
CA ALA A 49 12.16 -22.30 -31.52
C ALA A 49 13.35 -21.36 -31.40
N GLY A 50 13.15 -20.08 -31.70
CA GLY A 50 14.25 -19.13 -31.57
C GLY A 50 14.72 -18.97 -30.14
N TYR A 51 13.79 -18.97 -29.19
CA TYR A 51 14.14 -18.76 -27.79
C TYR A 51 15.01 -19.89 -27.26
N PHE A 52 14.57 -21.14 -27.46
CA PHE A 52 15.30 -22.28 -26.95
C PHE A 52 16.66 -22.43 -27.63
N ALA A 53 16.75 -22.07 -28.92
CA ALA A 53 18.04 -22.14 -29.61
C ALA A 53 19.01 -21.09 -29.06
N ALA A 54 18.51 -19.89 -28.77
CA ALA A 54 19.38 -18.86 -28.19
C ALA A 54 19.78 -19.23 -26.77
N VAL A 55 18.87 -19.85 -26.02
CA VAL A 55 19.22 -20.35 -24.68
C VAL A 55 20.34 -21.37 -24.79
N ALA A 56 20.25 -22.28 -25.76
CA ALA A 56 21.29 -23.29 -25.95
C ALA A 56 22.63 -22.62 -26.25
N ASP A 57 22.63 -21.64 -27.16
CA ASP A 57 23.88 -20.96 -27.52
C ASP A 57 24.50 -20.27 -26.30
N ALA A 58 23.66 -19.71 -25.43
CA ALA A 58 24.18 -19.00 -24.26
C ALA A 58 24.71 -19.97 -23.21
N ILE A 59 24.05 -21.11 -23.03
CA ILE A 59 24.56 -22.12 -22.13
C ILE A 59 25.95 -22.58 -22.58
N LEU A 60 26.11 -22.77 -23.88
CA LEU A 60 27.37 -23.28 -24.41
C LEU A 60 28.54 -22.36 -24.10
N ARG A 61 28.31 -21.06 -24.03
CA ARG A 61 29.39 -20.10 -23.81
C ARG A 61 29.52 -19.67 -22.35
N ALA A 62 28.73 -20.24 -21.45
CA ALA A 62 28.87 -19.93 -20.03
C ALA A 62 30.28 -20.25 -19.54
N GLN A 63 30.82 -19.36 -18.71
CA GLN A 63 32.15 -19.53 -18.15
C GLN A 63 32.16 -19.68 -16.63
N GLU A 64 31.15 -19.18 -15.94
CA GLU A 64 31.19 -19.13 -14.47
C GLU A 64 29.92 -19.70 -13.84
N GLU A 65 28.75 -19.16 -14.20
CA GLU A 65 27.52 -19.50 -13.52
C GLU A 65 26.36 -19.56 -14.51
N ILE A 66 25.40 -20.43 -14.20
CA ILE A 66 24.10 -20.47 -14.88
C ILE A 66 23.03 -20.51 -13.79
N PHE A 67 22.10 -19.56 -13.83
CA PHE A 67 20.97 -19.50 -12.90
C PHE A 67 19.70 -19.82 -13.69
N ILE A 68 18.84 -20.68 -13.14
CA ILE A 68 17.62 -21.10 -13.82
C ILE A 68 16.46 -21.11 -12.82
N THR A 69 15.35 -20.48 -13.19
CA THR A 69 14.07 -20.68 -12.50
C THR A 69 13.06 -21.23 -13.49
N ASP A 70 12.25 -22.18 -13.02
CA ASP A 70 11.20 -22.73 -13.85
C ASP A 70 10.03 -23.15 -12.98
N TRP A 71 8.82 -22.85 -13.46
CA TRP A 71 7.64 -23.48 -12.90
C TRP A 71 7.61 -24.97 -13.23
N TRP A 72 8.12 -25.34 -14.41
CA TRP A 72 8.30 -26.72 -14.80
C TRP A 72 9.56 -26.81 -15.67
N LEU A 73 10.45 -27.73 -15.32
CA LEU A 73 11.63 -28.03 -16.12
C LEU A 73 11.61 -29.50 -16.50
N SER A 74 11.61 -29.79 -17.80
CA SER A 74 11.72 -31.15 -18.30
C SER A 74 13.17 -31.41 -18.63
N PRO A 75 13.87 -32.28 -17.89
CA PRO A 75 15.32 -32.44 -18.12
C PRO A 75 15.68 -32.89 -19.53
N GLU A 76 14.86 -33.74 -20.13
CA GLU A 76 15.20 -34.33 -21.42
C GLU A 76 14.69 -33.51 -22.61
N VAL A 77 14.21 -32.29 -22.40
CA VAL A 77 13.73 -31.48 -23.52
C VAL A 77 14.91 -31.08 -24.40
N TYR A 78 14.69 -31.06 -25.70
CA TYR A 78 15.71 -30.64 -26.65
C TYR A 78 15.57 -29.16 -26.98
N LEU A 79 16.71 -28.47 -27.00
CA LEU A 79 16.73 -27.04 -27.24
C LEU A 79 16.83 -26.69 -28.72
N LYS A 80 17.22 -27.65 -29.57
CA LYS A 80 17.19 -27.49 -31.02
C LYS A 80 16.58 -28.74 -31.63
N ARG A 81 15.86 -28.56 -32.73
CA ARG A 81 15.09 -29.63 -33.35
C ARG A 81 15.37 -29.70 -34.84
N PRO A 82 15.22 -30.89 -35.45
CA PRO A 82 14.93 -32.16 -34.78
C PRO A 82 16.18 -32.80 -34.21
N ALA A 83 16.03 -33.57 -33.14
CA ALA A 83 17.17 -34.18 -32.47
C ALA A 83 17.69 -35.36 -33.27
N HIS A 84 19.02 -35.46 -33.38
CA HIS A 84 19.69 -36.60 -33.97
C HIS A 84 20.70 -37.24 -33.03
N SER A 85 20.89 -36.68 -31.84
CA SER A 85 21.83 -37.20 -30.85
C SER A 85 21.47 -36.56 -29.52
N ASP A 86 22.33 -36.77 -28.51
CA ASP A 86 22.15 -36.12 -27.22
C ASP A 86 22.57 -34.66 -27.24
N ASP A 87 23.22 -34.20 -28.32
CA ASP A 87 23.52 -32.79 -28.46
C ASP A 87 22.22 -31.98 -28.40
N TRP A 88 22.28 -30.88 -27.66
CA TRP A 88 21.23 -29.88 -27.49
C TRP A 88 20.14 -30.34 -26.53
N ARG A 89 20.26 -31.52 -25.93
CA ARG A 89 19.35 -31.88 -24.85
C ARG A 89 19.73 -31.09 -23.60
N LEU A 90 18.71 -30.56 -22.91
CA LEU A 90 18.95 -29.62 -21.82
C LEU A 90 19.84 -30.21 -20.74
N ASP A 91 19.52 -31.41 -20.27
CA ASP A 91 20.29 -32.00 -19.16
C ASP A 91 21.73 -32.27 -19.58
N ILE A 92 21.93 -32.80 -20.79
CA ILE A 92 23.27 -33.06 -21.28
C ILE A 92 24.07 -31.77 -21.39
N MET A 93 23.46 -30.71 -21.91
CA MET A 93 24.17 -29.44 -22.05
C MET A 93 24.61 -28.89 -20.69
N LEU A 94 23.72 -28.95 -19.69
CA LEU A 94 24.07 -28.46 -18.37
C LEU A 94 25.15 -29.32 -17.72
N LYS A 95 25.09 -30.63 -17.94
CA LYS A 95 26.10 -31.53 -17.38
C LYS A 95 27.48 -31.22 -17.93
N ARG A 96 27.59 -30.95 -19.23
CA ARG A 96 28.90 -30.64 -19.80
C ARG A 96 29.46 -29.35 -19.29
N LYS A 97 28.60 -28.33 -19.17
CA LYS A 97 29.07 -27.08 -18.61
C LYS A 97 29.55 -27.26 -17.18
N ALA A 98 28.80 -28.05 -16.39
CA ALA A 98 29.24 -28.32 -15.02
C ALA A 98 30.55 -29.07 -14.99
N GLU A 99 30.75 -29.99 -15.95
CA GLU A 99 32.02 -30.69 -16.04
C GLU A 99 33.16 -29.73 -16.33
N GLU A 100 32.88 -28.60 -17.00
CA GLU A 100 33.88 -27.59 -17.27
C GLU A 100 34.14 -26.67 -16.08
N GLY A 101 33.38 -26.81 -15.00
CA GLY A 101 33.55 -25.96 -13.83
C GLY A 101 32.44 -24.95 -13.62
N VAL A 102 31.47 -24.86 -14.52
CA VAL A 102 30.38 -23.91 -14.37
C VAL A 102 29.47 -24.34 -13.24
N ARG A 103 29.11 -23.41 -12.36
CA ARG A 103 28.20 -23.67 -11.26
C ARG A 103 26.77 -23.40 -11.73
N VAL A 104 25.94 -24.43 -11.74
CA VAL A 104 24.55 -24.32 -12.17
C VAL A 104 23.66 -24.34 -10.94
N SER A 105 22.86 -23.28 -10.76
CA SER A 105 21.95 -23.15 -9.64
C SER A 105 20.52 -23.04 -10.19
N ILE A 106 19.63 -23.91 -9.69
CA ILE A 106 18.29 -24.04 -10.25
C ILE A 106 17.26 -23.95 -9.14
N LEU A 107 16.22 -23.16 -9.35
CA LEU A 107 15.09 -23.05 -8.43
C LEU A 107 13.84 -23.53 -9.15
N LEU A 108 13.24 -24.60 -8.63
CA LEU A 108 12.06 -25.21 -9.23
C LEU A 108 10.86 -25.05 -8.30
N PHE A 109 9.69 -24.86 -8.89
CA PHE A 109 8.46 -24.85 -8.11
C PHE A 109 8.15 -26.26 -7.64
N LYS A 110 7.79 -26.38 -6.36
CA LYS A 110 7.38 -27.66 -5.77
C LYS A 110 5.86 -27.73 -5.78
N GLU A 111 5.31 -28.54 -6.68
CA GLU A 111 3.88 -28.68 -6.82
C GLU A 111 3.30 -29.53 -5.69
N VAL A 112 1.97 -29.59 -5.65
CA VAL A 112 1.27 -30.58 -4.82
C VAL A 112 1.04 -31.80 -5.70
N GLU A 113 1.79 -32.86 -5.46
CA GLU A 113 1.82 -34.04 -6.32
C GLU A 113 0.44 -34.63 -6.57
N LEU A 116 -1.04 -31.45 -9.31
CA LEU A 116 -0.26 -31.12 -10.50
C LEU A 116 0.58 -32.31 -10.95
N GLY A 117 0.83 -32.39 -12.25
CA GLY A 117 1.60 -33.50 -12.80
C GLY A 117 2.95 -33.09 -13.36
N ILE A 118 3.49 -31.96 -12.88
CA ILE A 118 4.78 -31.50 -13.38
C ILE A 118 5.92 -32.35 -12.84
N ASN A 119 5.73 -32.99 -11.68
CA ASN A 119 6.70 -33.92 -11.09
C ASN A 119 8.07 -33.26 -10.92
N SER A 120 8.10 -32.26 -10.01
CA SER A 120 9.35 -31.58 -9.72
C SER A 120 10.35 -32.50 -9.02
N GLY A 121 9.85 -33.52 -8.31
CA GLY A 121 10.75 -34.48 -7.69
C GLY A 121 11.61 -35.21 -8.72
N TYR A 122 10.99 -35.62 -9.83
CA TYR A 122 11.75 -36.25 -10.91
C TYR A 122 12.78 -35.29 -11.49
N SER A 123 12.38 -34.03 -11.73
CA SER A 123 13.30 -33.06 -12.29
C SER A 123 14.47 -32.80 -11.35
N LYS A 124 14.19 -32.63 -10.06
CA LYS A 124 15.23 -32.36 -9.08
C LYS A 124 16.24 -33.50 -9.02
N ARG A 125 15.74 -34.74 -8.90
CA ARG A 125 16.64 -35.88 -8.76
C ARG A 125 17.50 -36.06 -10.01
N ALA A 126 16.91 -35.87 -11.19
CA ALA A 126 17.65 -36.03 -12.43
C ALA A 126 18.74 -34.96 -12.57
N LEU A 127 18.41 -33.71 -12.23
CA LEU A 127 19.39 -32.63 -12.37
C LEU A 127 20.51 -32.78 -11.36
N MET A 128 20.18 -33.14 -10.11
CA MET A 128 21.20 -33.30 -9.09
C MET A 128 22.15 -34.45 -9.41
N LEU A 129 21.64 -35.48 -10.09
CA LEU A 129 22.47 -36.62 -10.45
C LEU A 129 23.51 -36.28 -11.52
N LEU A 130 23.27 -35.22 -12.29
CA LEU A 130 24.09 -34.96 -13.47
C LEU A 130 25.55 -34.70 -13.11
N HIS A 131 25.79 -33.82 -12.15
CA HIS A 131 27.15 -33.42 -11.82
C HIS A 131 27.15 -32.71 -10.48
N PRO A 132 28.22 -32.84 -9.69
CA PRO A 132 28.26 -32.16 -8.38
C PRO A 132 28.13 -30.64 -8.47
N ASN A 133 28.47 -30.02 -9.60
CA ASN A 133 28.36 -28.57 -9.72
C ASN A 133 26.95 -28.09 -10.02
N ILE A 134 25.97 -28.99 -10.08
CA ILE A 134 24.57 -28.62 -10.34
C ILE A 134 23.80 -28.76 -9.04
N LYS A 135 23.16 -27.68 -8.61
CA LYS A 135 22.44 -27.67 -7.35
C LYS A 135 21.02 -27.19 -7.60
N VAL A 136 20.04 -27.90 -7.04
CA VAL A 136 18.63 -27.62 -7.23
C VAL A 136 17.97 -27.49 -5.87
N MET A 137 17.16 -26.45 -5.69
CA MET A 137 16.29 -26.31 -4.53
C MET A 137 14.85 -26.19 -5.02
N ARG A 138 13.94 -26.81 -4.28
CA ARG A 138 12.51 -26.72 -4.58
C ARG A 138 11.80 -25.93 -3.49
N HIS A 139 10.71 -25.27 -3.87
CA HIS A 139 9.97 -24.41 -2.96
C HIS A 139 8.57 -24.20 -3.54
N PRO A 140 7.54 -24.09 -2.70
CA PRO A 140 7.53 -24.15 -1.23
C PRO A 140 7.32 -25.57 -0.69
N ASP A 141 7.62 -25.75 0.60
CA ASP A 141 7.35 -27.01 1.28
C ASP A 141 5.99 -27.00 2.00
N GLN A 142 5.51 -25.83 2.40
CA GLN A 142 4.20 -25.74 3.02
C GLN A 142 3.10 -25.87 1.97
N VAL A 143 1.90 -26.20 2.44
CA VAL A 143 0.73 -26.19 1.56
C VAL A 143 0.31 -24.74 1.32
N THR A 144 0.17 -24.37 0.06
CA THR A 144 -0.27 -23.04 -0.32
C THR A 144 -0.90 -23.12 -1.70
N LEU A 145 -1.74 -22.13 -2.00
CA LEU A 145 -2.33 -22.03 -3.34
C LEU A 145 -1.34 -21.51 -4.37
N TRP A 146 -0.31 -20.79 -3.95
CA TRP A 146 0.51 -20.00 -4.85
C TRP A 146 1.79 -20.75 -5.25
N ALA A 147 2.38 -20.29 -6.35
CA ALA A 147 3.47 -20.99 -6.99
C ALA A 147 4.57 -20.02 -7.37
N HIS A 148 5.76 -20.56 -7.62
CA HIS A 148 6.84 -19.83 -8.26
C HIS A 148 6.66 -19.97 -9.76
N HIS A 149 6.34 -18.86 -10.41
CA HIS A 149 5.88 -18.90 -11.80
C HIS A 149 6.87 -18.30 -12.79
N GLU A 150 7.85 -17.52 -12.33
CA GLU A 150 8.75 -16.86 -13.26
C GLU A 150 9.61 -17.87 -13.99
N LYS A 151 9.93 -17.54 -15.25
CA LYS A 151 10.80 -18.34 -16.10
C LYS A 151 12.04 -17.52 -16.39
N LEU A 152 13.21 -18.03 -16.00
CA LEU A 152 14.43 -17.24 -16.07
C LEU A 152 15.64 -18.15 -16.31
N LEU A 153 16.56 -17.68 -17.15
CA LEU A 153 17.88 -18.31 -17.27
C LEU A 153 18.90 -17.20 -17.47
N VAL A 154 19.88 -17.13 -16.58
CA VAL A 154 20.91 -16.10 -16.62
C VAL A 154 22.28 -16.76 -16.71
N VAL A 155 23.10 -16.31 -17.65
CA VAL A 155 24.44 -16.84 -17.86
C VAL A 155 25.45 -15.79 -17.41
N ASP A 156 26.33 -16.18 -16.48
CA ASP A 156 27.43 -15.34 -16.01
C ASP A 156 26.96 -13.96 -15.56
N GLN A 157 25.69 -13.87 -15.13
CA GLN A 157 25.08 -12.64 -14.62
C GLN A 157 25.17 -11.50 -15.64
N VAL A 158 25.19 -11.81 -16.94
CA VAL A 158 25.36 -10.78 -17.96
C VAL A 158 24.42 -10.98 -19.14
N VAL A 159 23.84 -12.18 -19.27
CA VAL A 159 22.86 -12.46 -20.33
C VAL A 159 21.68 -13.17 -19.70
N ALA A 160 20.47 -12.63 -19.88
CA ALA A 160 19.30 -13.12 -19.17
C ALA A 160 18.14 -13.33 -20.14
N PHE A 161 17.53 -14.50 -20.07
CA PHE A 161 16.33 -14.86 -20.83
C PHE A 161 15.13 -14.90 -19.89
N LEU A 162 13.99 -14.34 -20.34
CA LEU A 162 12.77 -14.43 -19.56
C LEU A 162 11.58 -14.33 -20.50
N GLY A 163 10.38 -14.41 -19.94
CA GLY A 163 9.16 -14.43 -20.74
C GLY A 163 8.19 -15.50 -20.28
N GLY A 164 7.40 -16.06 -21.20
CA GLY A 164 6.41 -17.04 -20.86
C GLY A 164 6.83 -18.49 -21.05
N LEU A 165 8.04 -18.74 -21.52
CA LEU A 165 8.47 -20.08 -21.91
C LEU A 165 9.25 -20.74 -20.77
N ASP A 166 8.69 -21.82 -20.24
CA ASP A 166 9.46 -22.74 -19.42
C ASP A 166 10.26 -23.68 -20.32
N LEU A 167 11.37 -24.20 -19.80
CA LEU A 167 12.14 -25.23 -20.51
C LEU A 167 11.43 -26.57 -20.26
N ALA A 168 10.32 -26.77 -20.98
CA ALA A 168 9.42 -27.86 -20.66
C ALA A 168 8.79 -28.41 -21.94
N TYR A 169 8.18 -29.59 -21.79
CA TYR A 169 7.49 -30.26 -22.90
C TYR A 169 6.32 -29.42 -23.39
N GLY A 170 6.06 -29.52 -24.69
CA GLY A 170 4.94 -28.84 -25.32
C GLY A 170 5.20 -27.40 -25.72
N ARG A 171 6.33 -26.81 -25.31
CA ARG A 171 6.56 -25.39 -25.49
C ARG A 171 7.23 -25.05 -26.81
N TRP A 172 8.04 -25.94 -27.35
CA TRP A 172 8.74 -25.67 -28.60
C TRP A 172 7.75 -25.57 -29.75
N ASP A 173 7.88 -24.52 -30.56
CA ASP A 173 7.06 -24.33 -31.74
C ASP A 173 7.68 -23.23 -32.59
N ASP A 174 7.15 -23.09 -33.80
CA ASP A 174 7.64 -22.09 -34.75
C ASP A 174 6.46 -21.58 -35.57
N LEU A 175 6.76 -20.78 -36.59
CA LEU A 175 5.72 -20.17 -37.42
C LEU A 175 4.85 -21.21 -38.12
N HIS A 176 5.32 -22.45 -38.27
CA HIS A 176 4.54 -23.46 -38.96
C HIS A 176 3.39 -23.97 -38.11
N TYR A 177 3.47 -23.83 -36.79
CA TYR A 177 2.44 -24.26 -35.85
C TYR A 177 1.86 -25.62 -36.29
N ARG A 178 2.76 -26.60 -36.39
CA ARG A 178 2.40 -27.91 -36.95
C ARG A 178 1.37 -28.61 -36.07
N LEU A 179 0.30 -29.09 -36.70
CA LEU A 179 -0.67 -29.91 -36.00
C LEU A 179 -0.28 -31.38 -35.97
N THR A 180 0.64 -31.80 -36.83
CA THR A 180 1.06 -33.19 -36.93
C THR A 180 2.58 -33.27 -36.92
N ASP A 181 3.09 -34.46 -36.60
CA ASP A 181 4.52 -34.69 -36.47
C ASP A 181 4.77 -36.16 -36.79
N LEU A 182 4.59 -36.52 -38.07
CA LEU A 182 4.73 -37.90 -38.51
C LEU A 182 6.02 -38.15 -39.28
N GLY A 183 6.83 -37.13 -39.51
CA GLY A 183 8.05 -37.29 -40.28
C GLY A 183 7.99 -36.65 -41.65
N PRO A 204 16.93 -45.98 -27.71
CA PRO A 204 16.46 -44.90 -28.60
C PRO A 204 17.58 -44.26 -29.42
N ASP A 205 17.87 -44.85 -30.57
CA ASP A 205 18.84 -44.28 -31.50
C ASP A 205 18.17 -43.17 -32.30
N LEU A 206 18.66 -41.95 -32.14
CA LEU A 206 18.06 -40.78 -32.77
C LEU A 206 18.70 -40.41 -34.10
N SER A 207 19.68 -41.19 -34.57
CA SER A 207 20.41 -40.82 -35.78
C SER A 207 19.49 -40.62 -36.98
N HIS A 208 18.40 -41.38 -37.07
CA HIS A 208 17.47 -41.26 -38.18
C HIS A 208 16.18 -40.54 -37.80
N ASN A 209 16.15 -39.87 -36.66
CA ASN A 209 14.91 -39.25 -36.20
C ASN A 209 14.52 -38.08 -37.09
N GLN A 210 13.22 -37.98 -37.36
CA GLN A 210 12.65 -36.87 -38.11
C GLN A 210 11.58 -36.12 -37.32
N PHE A 211 11.20 -36.60 -36.14
CA PHE A 211 10.16 -35.96 -35.35
C PHE A 211 10.66 -34.69 -34.70
N PHE A 212 9.81 -33.65 -34.70
CA PHE A 212 10.15 -32.43 -33.99
C PHE A 212 9.85 -32.52 -32.50
N TRP A 213 8.83 -33.30 -32.12
CA TRP A 213 8.43 -33.45 -30.72
C TRP A 213 8.51 -34.94 -30.35
N LEU A 214 9.59 -35.33 -29.69
CA LEU A 214 9.78 -36.72 -29.30
C LEU A 214 9.00 -37.05 -28.04
N GLY A 215 8.38 -38.23 -28.02
CA GLY A 215 7.71 -38.75 -26.84
C GLY A 215 6.78 -37.78 -26.15
N LYS A 216 7.05 -37.50 -24.87
CA LYS A 216 6.17 -36.64 -24.07
C LYS A 216 6.11 -35.21 -24.58
N ASP A 217 7.02 -34.81 -25.47
CA ASP A 217 7.01 -33.46 -26.01
C ASP A 217 5.86 -33.27 -26.99
N TYR A 218 5.41 -34.34 -27.65
CA TYR A 218 4.23 -34.29 -28.50
C TYR A 218 3.01 -34.35 -27.61
N SER A 219 2.24 -33.26 -27.56
CA SER A 219 1.21 -33.15 -26.54
C SER A 219 0.12 -32.18 -26.99
N ASN A 220 -1.04 -32.34 -26.37
CA ASN A 220 -2.17 -31.43 -26.51
C ASN A 220 -2.77 -31.33 -25.11
N LEU A 221 -2.35 -30.31 -24.35
CA LEU A 221 -2.70 -30.26 -22.93
C LEU A 221 -4.19 -30.11 -22.68
N ILE A 222 -4.99 -29.79 -23.69
CA ILE A 222 -6.44 -29.82 -23.53
C ILE A 222 -6.98 -31.23 -23.73
N THR A 223 -6.39 -31.98 -24.67
CA THR A 223 -6.80 -33.36 -24.88
C THR A 223 -6.44 -34.23 -23.68
N LYS A 224 -5.21 -34.09 -23.18
CA LYS A 224 -4.74 -34.95 -22.10
C LYS A 224 -3.58 -34.29 -21.39
N ASP A 225 -3.61 -34.31 -20.05
CA ASP A 225 -2.50 -33.82 -19.26
C ASP A 225 -1.34 -34.81 -19.29
N TRP A 226 -0.15 -34.32 -18.97
CA TRP A 226 1.06 -35.15 -19.01
C TRP A 226 1.00 -36.22 -17.93
N VAL A 227 1.47 -37.42 -18.29
CA VAL A 227 1.62 -38.52 -17.34
C VAL A 227 2.97 -39.19 -17.59
N GLN A 228 3.45 -39.92 -16.58
CA GLN A 228 4.64 -40.76 -16.68
C GLN A 228 5.82 -39.99 -17.27
N LEU A 229 6.20 -38.91 -16.59
CA LEU A 229 7.30 -38.09 -17.07
C LEU A 229 8.66 -38.76 -16.91
N ASP A 230 8.74 -39.83 -16.11
CA ASP A 230 9.96 -40.61 -16.02
C ASP A 230 10.14 -41.55 -17.22
N ARG A 231 9.23 -41.51 -18.19
CA ARG A 231 9.37 -42.19 -19.47
C ARG A 231 9.37 -41.12 -20.56
N PRO A 232 10.44 -40.33 -20.66
CA PRO A 232 10.39 -39.10 -21.48
C PRO A 232 10.20 -39.36 -22.96
N PHE A 233 10.62 -40.51 -23.48
CA PHE A 233 10.65 -40.74 -24.91
C PHE A 233 9.52 -41.65 -25.38
N GLU A 234 8.51 -41.87 -24.55
CA GLU A 234 7.35 -42.66 -24.93
C GLU A 234 6.17 -41.73 -25.18
N ASP A 235 5.46 -41.96 -26.27
CA ASP A 235 4.26 -41.18 -26.57
C ASP A 235 3.20 -41.46 -25.51
N PHE A 236 2.38 -40.45 -25.23
CA PHE A 236 1.19 -40.63 -24.40
C PHE A 236 -0.10 -40.22 -25.09
N ILE A 237 -0.02 -39.76 -26.35
CA ILE A 237 -1.19 -39.63 -27.21
C ILE A 237 -0.83 -40.22 -28.57
N ASP A 238 -1.87 -40.62 -29.31
CA ASP A 238 -1.67 -41.30 -30.59
C ASP A 238 -1.29 -40.29 -31.66
N ARG A 239 -0.02 -40.32 -32.05
CA ARG A 239 0.50 -39.46 -33.10
C ARG A 239 -0.29 -39.59 -34.39
N GLU A 240 -0.75 -40.80 -34.71
CA GLU A 240 -1.40 -41.05 -35.98
C GLU A 240 -2.82 -40.51 -36.05
N THR A 241 -3.45 -40.24 -34.90
CA THR A 241 -4.85 -39.82 -34.87
C THR A 241 -5.10 -38.54 -34.10
N THR A 242 -4.16 -38.08 -33.28
CA THR A 242 -4.43 -37.01 -32.32
C THR A 242 -3.50 -35.83 -32.56
N PRO A 243 -4.00 -34.72 -33.12
CA PRO A 243 -3.13 -33.57 -33.38
C PRO A 243 -2.61 -32.95 -32.09
N ARG A 244 -1.35 -32.53 -32.14
CA ARG A 244 -0.79 -31.74 -31.06
C ARG A 244 -1.42 -30.35 -31.06
N MET A 245 -1.25 -29.63 -29.96
CA MET A 245 -1.76 -28.28 -29.93
C MET A 245 -0.63 -27.28 -30.08
N PRO A 246 -0.67 -26.41 -31.09
CA PRO A 246 0.39 -25.42 -31.27
C PRO A 246 0.51 -24.52 -30.06
N TRP A 247 1.74 -24.09 -29.78
CA TRP A 247 2.09 -23.28 -28.63
C TRP A 247 2.69 -21.97 -29.13
N ARG A 248 2.02 -20.87 -28.83
CA ARG A 248 2.53 -19.54 -29.14
C ARG A 248 2.95 -18.86 -27.83
N ASP A 249 4.11 -18.23 -27.85
CA ASP A 249 4.65 -17.61 -26.64
C ASP A 249 5.60 -16.50 -27.05
N VAL A 250 6.02 -15.70 -26.06
CA VAL A 250 6.92 -14.59 -26.28
C VAL A 250 8.00 -14.62 -25.21
N GLY A 251 9.27 -14.54 -25.65
CA GLY A 251 10.39 -14.40 -24.74
C GLY A 251 11.22 -13.20 -25.11
N VAL A 252 12.27 -12.98 -24.32
CA VAL A 252 13.18 -11.87 -24.56
C VAL A 252 14.51 -12.19 -23.90
N VAL A 253 15.59 -11.68 -24.48
CA VAL A 253 16.91 -11.74 -23.87
C VAL A 253 17.41 -10.31 -23.70
N VAL A 254 18.00 -10.03 -22.55
CA VAL A 254 18.57 -8.72 -22.25
C VAL A 254 20.02 -8.93 -21.82
N HIS A 255 20.85 -7.93 -22.11
CA HIS A 255 22.27 -7.97 -21.79
C HIS A 255 22.62 -6.85 -20.81
N GLY A 256 23.73 -7.05 -20.10
CA GLY A 256 24.29 -6.00 -19.28
C GLY A 256 23.57 -5.78 -17.97
N LEU A 257 23.30 -4.52 -17.63
CA LEU A 257 22.78 -4.18 -16.31
C LEU A 257 21.44 -4.86 -15.99
N PRO A 258 20.45 -4.92 -16.89
CA PRO A 258 19.21 -5.63 -16.52
C PRO A 258 19.41 -7.12 -16.31
N ALA A 259 20.36 -7.73 -17.02
CA ALA A 259 20.68 -9.13 -16.74
C ALA A 259 21.27 -9.29 -15.34
N ARG A 260 22.07 -8.32 -14.89
CA ARG A 260 22.56 -8.37 -13.52
C ARG A 260 21.42 -8.15 -12.52
N ASP A 261 20.50 -7.25 -12.84
CA ASP A 261 19.32 -7.06 -11.98
C ASP A 261 18.53 -8.36 -11.86
N LEU A 262 18.33 -9.05 -12.98
CA LEU A 262 17.63 -10.33 -12.93
C LEU A 262 18.41 -11.36 -12.14
N ALA A 263 19.74 -11.38 -12.29
CA ALA A 263 20.57 -12.25 -11.45
C ALA A 263 20.39 -11.92 -9.98
N ARG A 264 20.18 -10.64 -9.63
CA ARG A 264 20.02 -10.28 -8.23
C ARG A 264 18.71 -10.79 -7.68
N HIS A 265 17.65 -10.80 -8.49
CA HIS A 265 16.40 -11.42 -8.06
C HIS A 265 16.59 -12.91 -7.80
N PHE A 266 17.31 -13.60 -8.69
CA PHE A 266 17.58 -15.01 -8.46
C PHE A 266 18.39 -15.22 -7.20
N ILE A 267 19.42 -14.41 -6.99
CA ILE A 267 20.28 -14.55 -5.81
C ILE A 267 19.47 -14.30 -4.54
N GLN A 268 18.60 -13.28 -4.55
CA GLN A 268 17.77 -13.00 -3.38
C GLN A 268 16.88 -14.19 -3.04
N ARG A 269 16.22 -14.76 -4.07
CA ARG A 269 15.36 -15.92 -3.84
C ARG A 269 16.17 -17.14 -3.41
N TRP A 270 17.34 -17.34 -4.02
CA TRP A 270 18.19 -18.49 -3.67
C TRP A 270 18.60 -18.44 -2.20
N ASN A 271 19.20 -17.32 -1.78
CA ASN A 271 19.66 -17.21 -0.39
C ASN A 271 18.49 -17.23 0.58
N PHE A 272 17.34 -16.67 0.19
CA PHE A 272 16.15 -16.77 1.04
C PHE A 272 15.70 -18.22 1.18
N THR A 273 15.68 -18.96 0.06
CA THR A 273 15.25 -20.36 0.10
C THR A 273 16.17 -21.22 0.96
N LYS A 274 17.46 -20.86 1.01
CA LYS A 274 18.39 -21.58 1.89
C LYS A 274 17.90 -21.61 3.32
N THR A 275 17.29 -20.52 3.78
CA THR A 275 16.83 -20.39 5.16
C THR A 275 15.52 -21.11 5.42
N THR A 276 14.90 -21.73 4.40
CA THR A 276 13.55 -22.26 4.59
C THR A 276 13.52 -23.66 5.21
N LYS A 277 14.61 -24.42 5.13
CA LYS A 277 14.65 -25.70 5.82
C LYS A 277 16.09 -26.13 6.05
N ALA A 278 16.26 -27.07 6.98
CA ALA A 278 17.60 -27.41 7.47
C ALA A 278 18.49 -27.94 6.36
N LYS A 279 17.94 -28.75 5.45
CA LYS A 279 18.75 -29.34 4.39
C LYS A 279 19.38 -28.26 3.50
N TYR A 280 18.64 -27.19 3.24
CA TYR A 280 19.14 -26.13 2.37
C TYR A 280 20.07 -25.15 3.09
N LYS A 281 20.11 -25.16 4.42
CA LYS A 281 20.94 -24.21 5.15
C LYS A 281 22.43 -24.54 5.06
N THR A 282 22.77 -25.76 4.66
CA THR A 282 24.15 -26.22 4.68
C THR A 282 24.93 -25.70 3.47
N PRO A 283 26.27 -25.70 3.56
CA PRO A 283 27.08 -25.25 2.41
C PRO A 283 26.96 -26.13 1.17
N THR A 284 26.26 -27.26 1.24
CA THR A 284 25.94 -28.00 0.02
C THR A 284 25.21 -27.11 -0.97
N TYR A 285 24.44 -26.14 -0.47
CA TYR A 285 23.75 -25.16 -1.31
C TYR A 285 24.40 -23.80 -1.04
N PRO A 286 25.36 -23.38 -1.87
CA PRO A 286 26.17 -22.23 -1.50
C PRO A 286 25.39 -20.92 -1.57
N TYR A 287 25.77 -19.99 -0.70
CA TYR A 287 25.29 -18.62 -0.86
C TYR A 287 25.70 -18.11 -2.24
N LEU A 288 24.76 -17.46 -2.92
CA LEU A 288 25.07 -16.81 -4.18
C LEU A 288 25.24 -15.32 -3.96
N LEU A 289 26.07 -14.70 -4.80
CA LEU A 289 26.44 -13.32 -4.60
C LEU A 289 26.38 -12.56 -5.92
N PRO A 290 25.89 -11.31 -5.89
CA PRO A 290 25.81 -10.54 -7.14
C PRO A 290 27.17 -10.09 -7.62
N LYS A 291 27.39 -10.20 -8.93
CA LYS A 291 28.68 -9.84 -9.52
C LYS A 291 28.63 -8.38 -9.92
N SER A 292 29.05 -7.53 -8.99
CA SER A 292 29.11 -6.09 -9.23
C SER A 292 30.11 -5.76 -10.32
N PRO A 304 23.44 -10.54 -31.25
CA PRO A 304 22.81 -11.25 -32.37
C PRO A 304 21.37 -10.82 -32.61
N GLY A 305 21.17 -9.67 -33.26
CA GLY A 305 19.84 -9.14 -33.50
C GLY A 305 19.30 -8.25 -32.40
N GLY A 306 20.13 -7.85 -31.44
CA GLY A 306 19.65 -7.05 -30.33
C GLY A 306 19.54 -5.58 -30.69
N GLN A 307 18.57 -4.93 -30.06
CA GLN A 307 18.28 -3.51 -30.27
C GLN A 307 18.59 -2.74 -28.99
N CYS A 308 19.24 -1.59 -29.14
CA CYS A 308 19.52 -0.73 -27.99
C CYS A 308 18.23 -0.12 -27.49
N THR A 309 17.92 -0.34 -26.21
CA THR A 309 16.68 0.09 -25.59
C THR A 309 16.93 0.51 -24.15
N THR A 310 15.90 1.07 -23.53
CA THR A 310 15.87 1.26 -22.08
C THR A 310 15.02 0.15 -21.48
N VAL A 311 15.60 -0.61 -20.54
CA VAL A 311 14.97 -1.80 -19.99
C VAL A 311 14.91 -1.65 -18.47
N GLN A 312 13.76 -1.96 -17.89
CA GLN A 312 13.60 -2.01 -16.44
C GLN A 312 13.00 -3.34 -16.04
N VAL A 313 13.64 -4.01 -15.09
CA VAL A 313 13.13 -5.27 -14.55
C VAL A 313 12.03 -4.98 -13.55
N LEU A 314 11.00 -5.83 -13.56
CA LEU A 314 9.85 -5.75 -12.66
C LEU A 314 9.56 -7.13 -12.12
N ARG A 315 8.85 -7.18 -10.98
CA ARG A 315 8.55 -8.49 -10.41
C ARG A 315 7.33 -8.43 -9.50
N SER A 316 6.78 -9.62 -9.23
CA SER A 316 5.82 -9.87 -8.17
C SER A 316 6.46 -10.82 -7.18
N VAL A 317 6.60 -10.39 -5.92
CA VAL A 317 7.13 -11.24 -4.86
C VAL A 317 6.44 -10.87 -3.55
N ASP A 318 6.51 -11.77 -2.59
CA ASP A 318 5.87 -11.60 -1.29
C ASP A 318 6.81 -12.17 -0.23
N ARG A 319 6.43 -12.00 1.03
CA ARG A 319 7.14 -12.63 2.13
C ARG A 319 7.37 -14.11 1.88
N TRP A 320 6.31 -14.83 1.48
CA TRP A 320 6.41 -16.28 1.34
C TRP A 320 7.38 -16.68 0.24
N SER A 321 7.47 -15.89 -0.82
CA SER A 321 8.23 -16.29 -2.00
C SER A 321 9.65 -15.73 -2.02
N ALA A 322 9.91 -14.61 -1.37
CA ALA A 322 11.24 -14.01 -1.45
C ALA A 322 11.65 -13.21 -0.22
N GLY A 323 10.81 -13.13 0.81
CA GLY A 323 11.17 -12.34 1.99
C GLY A 323 11.08 -10.84 1.80
N THR A 324 10.38 -10.39 0.77
CA THR A 324 10.19 -8.97 0.52
C THR A 324 8.98 -8.80 -0.39
N LEU A 325 8.42 -7.59 -0.40
CA LEU A 325 7.14 -7.32 -1.03
C LEU A 325 7.33 -6.43 -2.25
N GLU A 326 6.68 -6.77 -3.37
CA GLU A 326 6.78 -5.99 -4.58
C GLU A 326 5.67 -6.40 -5.55
N ASN A 327 5.04 -5.41 -6.18
CA ASN A 327 4.10 -5.64 -7.26
C ASN A 327 4.33 -4.62 -8.38
N SER A 328 5.58 -4.55 -8.85
CA SER A 328 5.92 -3.54 -9.85
C SER A 328 5.48 -3.92 -11.25
N ILE A 329 5.24 -5.20 -11.53
CA ILE A 329 4.65 -5.57 -12.82
C ILE A 329 3.27 -4.93 -12.97
N LEU A 330 2.43 -5.11 -11.96
CA LEU A 330 1.11 -4.48 -11.95
C LEU A 330 1.22 -2.97 -12.12
N ASN A 331 2.12 -2.33 -11.37
CA ASN A 331 2.27 -0.88 -11.45
C ASN A 331 2.62 -0.44 -12.87
N ALA A 332 3.56 -1.14 -13.51
CA ALA A 332 3.96 -0.77 -14.86
C ALA A 332 2.83 -0.97 -15.86
N TYR A 333 2.04 -2.04 -15.69
CA TYR A 333 0.88 -2.25 -16.56
C TYR A 333 -0.09 -1.09 -16.47
N LEU A 334 -0.47 -0.70 -15.25
CA LEU A 334 -1.46 0.37 -15.09
C LEU A 334 -0.93 1.70 -15.62
N HIS A 335 0.34 2.01 -15.34
CA HIS A 335 0.91 3.25 -15.84
C HIS A 335 1.00 3.27 -17.35
N THR A 336 1.42 2.15 -17.96
CA THR A 336 1.57 2.09 -19.41
C THR A 336 0.24 2.27 -20.12
N ILE A 337 -0.83 1.65 -19.60
CA ILE A 337 -2.14 1.82 -20.20
C ILE A 337 -2.61 3.26 -20.04
N ARG A 338 -2.48 3.80 -18.83
CA ARG A 338 -2.97 5.16 -18.56
C ARG A 338 -2.27 6.19 -19.44
N GLU A 339 -0.97 6.01 -19.68
CA GLU A 339 -0.18 6.99 -20.43
C GLU A 339 -0.13 6.71 -21.92
N SER A 340 -0.72 5.61 -22.38
CA SER A 340 -0.76 5.32 -23.81
C SER A 340 -1.54 6.40 -24.56
N GLN A 341 -1.19 6.61 -25.82
CA GLN A 341 -1.79 7.66 -26.61
C GLN A 341 -2.53 7.17 -27.85
N HIS A 342 -2.26 5.95 -28.34
CA HIS A 342 -2.79 5.52 -29.62
C HIS A 342 -3.38 4.12 -29.60
N PHE A 343 -2.64 3.13 -29.09
CA PHE A 343 -3.18 1.78 -29.09
C PHE A 343 -2.47 0.91 -28.07
N LEU A 344 -3.16 -0.18 -27.72
CA LEU A 344 -2.60 -1.27 -26.93
C LEU A 344 -2.76 -2.56 -27.73
N TYR A 345 -1.73 -3.42 -27.69
CA TYR A 345 -1.81 -4.78 -28.20
C TYR A 345 -1.50 -5.71 -27.04
N ILE A 346 -2.45 -6.57 -26.69
CA ILE A 346 -2.33 -7.43 -25.53
C ILE A 346 -2.48 -8.87 -25.98
N GLU A 347 -1.44 -9.66 -25.76
CA GLU A 347 -1.44 -11.09 -26.05
C GLU A 347 -1.15 -11.80 -24.74
N ASN A 348 -2.15 -12.46 -24.17
CA ASN A 348 -2.00 -13.01 -22.83
C ASN A 348 -2.82 -14.29 -22.69
N GLN A 349 -2.26 -15.21 -21.88
CA GLN A 349 -2.94 -16.46 -21.60
C GLN A 349 -4.23 -16.25 -20.82
N PHE A 350 -4.26 -15.27 -19.92
CA PHE A 350 -5.43 -14.99 -19.11
C PHE A 350 -5.80 -13.52 -19.23
N PHE A 351 -7.09 -13.24 -19.02
CA PHE A 351 -7.63 -11.88 -19.06
C PHE A 351 -8.72 -11.80 -17.98
N ILE A 352 -8.28 -11.83 -16.73
CA ILE A 352 -9.18 -11.84 -15.57
C ILE A 352 -8.88 -10.57 -14.79
N SER A 353 -9.81 -9.62 -14.84
CA SER A 353 -9.58 -8.29 -14.27
C SER A 353 -10.93 -7.61 -14.08
N CYS A 354 -10.90 -6.28 -13.85
CA CYS A 354 -12.05 -5.45 -13.50
C CYS A 354 -12.47 -5.70 -12.06
N SER A 355 -12.03 -4.83 -11.16
CA SER A 355 -12.13 -5.09 -9.73
C SER A 355 -13.53 -4.85 -9.20
N ASP A 356 -13.99 -5.78 -8.36
CA ASP A 356 -15.16 -5.56 -7.52
C ASP A 356 -14.77 -5.40 -6.05
N GLY A 357 -13.47 -5.32 -5.76
CA GLY A 357 -12.99 -5.16 -4.40
C GLY A 357 -13.08 -6.38 -3.52
N ARG A 358 -13.56 -7.51 -4.05
CA ARG A 358 -13.77 -8.69 -3.22
C ARG A 358 -13.25 -9.96 -3.89
N THR A 359 -13.74 -10.28 -5.08
CA THR A 359 -13.37 -11.53 -5.75
C THR A 359 -12.31 -11.34 -6.82
N VAL A 360 -12.31 -10.23 -7.53
CA VAL A 360 -11.25 -9.87 -8.47
C VAL A 360 -10.75 -8.48 -8.08
N LEU A 361 -9.43 -8.33 -8.00
CA LEU A 361 -8.86 -7.15 -7.35
C LEU A 361 -8.03 -6.27 -8.28
N ASN A 362 -7.30 -6.84 -9.24
CA ASN A 362 -6.41 -6.02 -10.05
C ASN A 362 -7.21 -5.12 -10.99
N LYS A 363 -6.64 -3.96 -11.29
CA LYS A 363 -7.36 -2.88 -11.97
C LYS A 363 -6.94 -2.72 -13.44
N VAL A 364 -6.29 -3.73 -14.03
CA VAL A 364 -5.85 -3.60 -15.42
C VAL A 364 -7.03 -3.37 -16.34
N GLY A 365 -8.10 -4.17 -16.18
CA GLY A 365 -9.28 -3.96 -16.99
C GLY A 365 -9.91 -2.61 -16.78
N ASP A 366 -9.88 -2.12 -15.54
CA ASP A 366 -10.47 -0.81 -15.24
C ASP A 366 -9.70 0.32 -15.92
N GLU A 367 -8.38 0.21 -16.00
CA GLU A 367 -7.59 1.22 -16.68
C GLU A 367 -7.86 1.20 -18.17
N ILE A 368 -8.10 0.02 -18.73
CA ILE A 368 -8.46 -0.08 -20.15
C ILE A 368 -9.79 0.61 -20.42
N VAL A 369 -10.78 0.36 -19.56
CA VAL A 369 -12.09 1.02 -19.71
C VAL A 369 -11.94 2.53 -19.65
N ASP A 370 -11.25 3.03 -18.62
CA ASP A 370 -11.10 4.47 -18.46
C ASP A 370 -10.36 5.09 -19.65
N ARG A 371 -9.34 4.40 -20.15
CA ARG A 371 -8.57 4.92 -21.28
C ARG A 371 -9.42 5.00 -22.54
N ILE A 372 -10.23 3.96 -22.79
CA ILE A 372 -11.11 3.98 -23.95
C ILE A 372 -12.18 5.07 -23.79
N LEU A 373 -12.78 5.16 -22.60
CA LEU A 373 -13.78 6.19 -22.35
C LEU A 373 -13.19 7.58 -22.53
N LYS A 374 -11.93 7.76 -22.14
CA LYS A 374 -11.29 9.07 -22.30
C LYS A 374 -11.08 9.40 -23.77
N ALA A 375 -10.64 8.42 -24.57
CA ALA A 375 -10.45 8.65 -26.00
C ALA A 375 -11.78 8.92 -26.69
N HIS A 376 -12.84 8.23 -26.27
CA HIS A 376 -14.16 8.46 -26.86
C HIS A 376 -14.68 9.85 -26.49
N LYS A 377 -14.44 10.29 -25.27
CA LYS A 377 -14.89 11.61 -24.84
C LYS A 377 -14.16 12.71 -25.59
N GLN A 378 -12.88 12.52 -25.88
CA GLN A 378 -12.08 13.55 -26.54
C GLN A 378 -12.12 13.44 -28.06
N GLY A 379 -12.72 12.38 -28.60
CA GLY A 379 -12.82 12.24 -30.04
C GLY A 379 -11.57 11.78 -30.73
N TRP A 380 -10.65 11.12 -30.03
CA TRP A 380 -9.40 10.67 -30.63
C TRP A 380 -9.49 9.20 -31.01
N CYS A 381 -8.71 8.84 -32.03
CA CYS A 381 -8.63 7.46 -32.51
C CYS A 381 -7.80 6.62 -31.55
N TYR A 382 -8.38 5.53 -31.06
CA TYR A 382 -7.72 4.67 -30.08
C TYR A 382 -8.23 3.25 -30.25
N ARG A 383 -7.31 2.28 -30.27
CA ARG A 383 -7.66 0.88 -30.49
C ARG A 383 -7.02 0.01 -29.44
N VAL A 384 -7.74 -1.02 -29.00
CA VAL A 384 -7.21 -2.04 -28.10
C VAL A 384 -7.40 -3.39 -28.77
N TYR A 385 -6.31 -4.09 -29.03
CA TYR A 385 -6.33 -5.46 -29.53
C TYR A 385 -6.05 -6.42 -28.39
N VAL A 386 -6.94 -7.39 -28.20
CA VAL A 386 -6.78 -8.40 -27.16
C VAL A 386 -6.74 -9.76 -27.84
N LEU A 387 -5.66 -10.50 -27.63
CA LEU A 387 -5.47 -11.82 -28.22
C LEU A 387 -5.40 -12.85 -27.11
N LEU A 388 -6.36 -13.76 -27.06
CA LEU A 388 -6.50 -14.71 -25.98
C LEU A 388 -6.57 -16.12 -26.55
N PRO A 389 -6.13 -17.12 -25.78
CA PRO A 389 -6.38 -18.51 -26.19
C PRO A 389 -7.88 -18.78 -26.22
N LEU A 390 -8.33 -19.47 -27.27
CA LEU A 390 -9.76 -19.70 -27.43
C LEU A 390 -10.34 -20.54 -26.30
N LEU A 391 -9.53 -21.41 -25.70
CA LEU A 391 -9.92 -22.17 -24.53
C LEU A 391 -8.76 -22.15 -23.54
N PRO A 392 -9.06 -22.21 -22.24
CA PRO A 392 -7.97 -22.26 -21.26
C PRO A 392 -7.22 -23.58 -21.32
N GLY A 393 -5.94 -23.52 -20.97
CA GLY A 393 -5.09 -24.69 -21.03
C GLY A 393 -5.28 -25.65 -19.87
N PHE A 394 -6.43 -26.30 -19.83
CA PHE A 394 -6.71 -27.35 -18.86
C PHE A 394 -7.29 -28.55 -19.58
N GLU A 395 -6.99 -29.74 -19.08
CA GLU A 395 -7.54 -30.96 -19.65
C GLU A 395 -9.05 -30.97 -19.48
N GLY A 396 -9.76 -31.24 -20.56
CA GLY A 396 -11.21 -31.23 -20.50
C GLY A 396 -11.79 -31.49 -21.88
N ASP A 397 -13.07 -31.83 -21.88
CA ASP A 397 -13.81 -32.16 -23.10
C ASP A 397 -14.80 -31.02 -23.34
N ILE A 398 -14.41 -30.10 -24.22
CA ILE A 398 -15.25 -28.93 -24.48
C ILE A 398 -16.58 -29.32 -25.12
N SER A 399 -16.63 -30.47 -25.81
CA SER A 399 -17.88 -30.90 -26.43
C SER A 399 -18.97 -31.21 -25.41
N THR A 400 -18.60 -31.47 -24.16
CA THR A 400 -19.56 -31.71 -23.09
C THR A 400 -19.56 -30.59 -22.06
N GLY A 401 -19.02 -29.42 -22.40
CA GLY A 401 -18.98 -28.29 -21.51
C GLY A 401 -17.59 -27.88 -21.06
N GLY A 402 -16.63 -28.81 -21.11
CA GLY A 402 -15.24 -28.51 -20.81
C GLY A 402 -14.77 -28.92 -19.43
N GLY A 403 -15.68 -29.19 -18.50
CA GLY A 403 -15.31 -29.49 -17.15
C GLY A 403 -15.21 -28.24 -16.29
N ASN A 404 -15.11 -28.46 -14.98
CA ASN A 404 -15.28 -27.35 -14.04
C ASN A 404 -14.08 -26.41 -14.02
N SER A 405 -12.87 -26.93 -14.28
CA SER A 405 -11.72 -26.05 -14.36
C SER A 405 -11.82 -25.11 -15.56
N ILE A 406 -12.16 -25.67 -16.73
CA ILE A 406 -12.34 -24.83 -17.91
C ILE A 406 -13.48 -23.85 -17.71
N GLN A 407 -14.58 -24.31 -17.11
CA GLN A 407 -15.74 -23.43 -16.92
C GLN A 407 -15.44 -22.33 -15.91
N ALA A 408 -14.67 -22.64 -14.87
CA ALA A 408 -14.31 -21.63 -13.88
C ALA A 408 -13.50 -20.52 -14.53
N ILE A 409 -12.49 -20.86 -15.33
CA ILE A 409 -11.72 -19.84 -16.03
C ILE A 409 -12.60 -19.10 -17.04
N LEU A 410 -13.42 -19.84 -17.79
CA LEU A 410 -14.33 -19.20 -18.73
C LEU A 410 -15.23 -18.18 -18.04
N HIS A 411 -15.71 -18.52 -16.83
CA HIS A 411 -16.57 -17.59 -16.10
C HIS A 411 -15.86 -16.26 -15.87
N PHE A 412 -14.64 -16.31 -15.32
CA PHE A 412 -13.94 -15.07 -15.01
C PHE A 412 -13.40 -14.39 -16.26
N THR A 413 -13.15 -15.15 -17.33
CA THR A 413 -12.77 -14.53 -18.60
C THR A 413 -13.91 -13.70 -19.16
N TYR A 414 -15.11 -14.29 -19.25
CA TYR A 414 -16.25 -13.55 -19.77
C TYR A 414 -16.70 -12.44 -18.81
N ARG A 415 -16.43 -12.61 -17.52
CA ARG A 415 -16.73 -11.54 -16.56
C ARG A 415 -15.91 -10.29 -16.85
N THR A 416 -14.65 -10.46 -17.28
CA THR A 416 -13.86 -9.31 -17.68
C THR A 416 -14.37 -8.73 -18.99
N LEU A 417 -14.79 -9.60 -19.92
CA LEU A 417 -15.03 -9.17 -21.29
C LEU A 417 -16.40 -8.54 -21.46
N CYS A 418 -17.47 -9.25 -21.08
CA CYS A 418 -18.78 -8.83 -21.56
C CYS A 418 -19.98 -9.26 -20.72
N ARG A 419 -19.78 -9.91 -19.57
CA ARG A 419 -20.90 -10.43 -18.79
C ARG A 419 -20.87 -9.82 -17.39
N GLY A 420 -21.88 -9.01 -17.08
CA GLY A 420 -22.02 -8.43 -15.76
C GLY A 420 -21.59 -6.97 -15.71
N GLU A 421 -21.86 -6.35 -14.55
CA GLU A 421 -21.70 -4.90 -14.41
C GLU A 421 -20.24 -4.45 -14.44
N TYR A 422 -19.29 -5.34 -14.17
CA TYR A 422 -17.89 -4.96 -14.15
C TYR A 422 -17.19 -5.17 -15.49
N SER A 423 -17.82 -5.86 -16.43
CA SER A 423 -17.17 -6.22 -17.68
C SER A 423 -16.85 -4.98 -18.51
N ILE A 424 -15.81 -5.11 -19.33
CA ILE A 424 -15.39 -4.00 -20.19
C ILE A 424 -16.52 -3.57 -21.11
N LEU A 425 -17.16 -4.54 -21.78
CA LEU A 425 -18.16 -4.21 -22.79
C LEU A 425 -19.41 -3.60 -22.16
N HIS A 426 -19.81 -4.08 -20.98
CA HIS A 426 -20.98 -3.49 -20.34
C HIS A 426 -20.75 -2.02 -20.02
N ARG A 427 -19.56 -1.69 -19.51
CA ARG A 427 -19.27 -0.31 -19.16
C ARG A 427 -19.04 0.56 -20.39
N LEU A 428 -18.50 -0.01 -21.47
CA LEU A 428 -18.39 0.74 -22.71
C LEU A 428 -19.76 0.97 -23.33
N LYS A 429 -20.59 -0.09 -23.41
CA LYS A 429 -21.93 0.06 -23.95
C LYS A 429 -22.72 1.12 -23.19
N ALA A 430 -22.51 1.20 -21.87
CA ALA A 430 -23.23 2.18 -21.06
C ALA A 430 -22.94 3.60 -21.53
N ALA A 431 -21.71 3.88 -21.92
CA ALA A 431 -21.33 5.23 -22.31
C ALA A 431 -21.49 5.50 -23.80
N MET A 432 -21.37 4.48 -24.65
CA MET A 432 -21.31 4.72 -26.08
C MET A 432 -22.11 3.73 -26.91
N GLY A 433 -22.84 2.80 -26.30
CA GLY A 433 -23.64 1.86 -27.07
C GLY A 433 -22.78 0.96 -27.94
N THR A 434 -23.27 0.69 -29.14
CA THR A 434 -22.60 -0.26 -30.05
C THR A 434 -21.27 0.25 -30.57
N ALA A 435 -20.92 1.52 -30.30
CA ALA A 435 -19.66 2.07 -30.77
C ALA A 435 -18.44 1.46 -30.09
N TRP A 436 -18.63 0.58 -29.09
CA TRP A 436 -17.48 -0.05 -28.45
C TRP A 436 -16.63 -0.82 -29.45
N ARG A 437 -17.25 -1.31 -30.53
CA ARG A 437 -16.53 -2.05 -31.56
C ARG A 437 -15.51 -1.19 -32.31
N ASP A 438 -15.59 0.14 -32.18
CA ASP A 438 -14.58 1.02 -32.75
C ASP A 438 -13.29 1.05 -31.93
N TYR A 439 -13.31 0.57 -30.68
CA TYR A 439 -12.19 0.77 -29.78
C TYR A 439 -11.53 -0.50 -29.28
N ILE A 440 -12.20 -1.64 -29.32
CA ILE A 440 -11.64 -2.86 -28.76
C ILE A 440 -12.05 -4.04 -29.64
N SER A 441 -11.09 -4.91 -29.95
CA SER A 441 -11.31 -6.14 -30.69
C SER A 441 -10.70 -7.30 -29.92
N ILE A 442 -11.51 -8.32 -29.65
CA ILE A 442 -11.10 -9.48 -28.87
C ILE A 442 -11.07 -10.68 -29.79
N CYS A 443 -9.91 -11.32 -29.90
CA CYS A 443 -9.70 -12.36 -30.89
C CYS A 443 -8.92 -13.51 -30.28
N GLY A 444 -8.94 -14.64 -30.99
CA GLY A 444 -8.10 -15.78 -30.70
C GLY A 444 -7.38 -16.21 -31.97
N LEU A 445 -6.72 -17.37 -31.93
CA LEU A 445 -5.99 -17.87 -33.08
C LEU A 445 -6.36 -19.33 -33.32
N ARG A 446 -6.40 -19.70 -34.61
CA ARG A 446 -6.73 -21.06 -35.00
C ARG A 446 -5.94 -21.40 -36.26
N THR A 447 -5.64 -22.69 -36.43
CA THR A 447 -4.97 -23.17 -37.63
C THR A 447 -5.61 -24.48 -38.07
N HIS A 448 -5.16 -24.99 -39.21
CA HIS A 448 -5.66 -26.26 -39.73
C HIS A 448 -4.54 -26.99 -40.45
N GLY A 449 -4.73 -28.29 -40.60
CA GLY A 449 -3.76 -29.14 -41.26
C GLY A 449 -4.49 -30.35 -41.79
N GLU A 450 -3.76 -31.45 -41.93
CA GLU A 450 -4.32 -32.69 -42.46
C GLU A 450 -3.84 -33.87 -41.64
N LEU A 451 -4.76 -34.79 -41.36
CA LEU A 451 -4.43 -35.99 -40.60
C LEU A 451 -5.48 -37.06 -40.90
N GLY A 452 -5.02 -38.27 -41.18
CA GLY A 452 -5.94 -39.35 -41.51
C GLY A 452 -6.69 -39.16 -42.80
N GLY A 453 -6.19 -38.33 -43.70
CA GLY A 453 -6.83 -38.13 -44.98
C GLY A 453 -7.89 -37.06 -45.04
N HIS A 454 -8.00 -36.22 -44.02
CA HIS A 454 -9.02 -35.17 -44.00
C HIS A 454 -8.48 -33.99 -43.20
N PRO A 455 -9.04 -32.80 -43.39
CA PRO A 455 -8.60 -31.64 -42.62
C PRO A 455 -8.90 -31.79 -41.13
N VAL A 456 -7.99 -31.26 -40.32
CA VAL A 456 -8.18 -31.17 -38.87
C VAL A 456 -7.86 -29.73 -38.47
N SER A 457 -8.39 -29.33 -37.31
CA SER A 457 -8.18 -27.97 -36.83
C SER A 457 -7.91 -28.00 -35.33
N GLU A 458 -7.17 -27.00 -34.87
CA GLU A 458 -6.93 -26.81 -33.46
C GLU A 458 -6.63 -25.33 -33.22
N LEU A 459 -7.02 -24.85 -32.05
CA LEU A 459 -6.63 -23.50 -31.67
C LEU A 459 -5.13 -23.42 -31.49
N ILE A 460 -4.58 -22.23 -31.69
CA ILE A 460 -3.19 -21.94 -31.36
C ILE A 460 -3.19 -21.41 -29.92
N TYR A 461 -2.53 -22.13 -29.02
CA TYR A 461 -2.58 -21.78 -27.61
C TYR A 461 -1.72 -20.56 -27.35
N ILE A 462 -2.36 -19.43 -27.06
CA ILE A 462 -1.67 -18.19 -26.73
C ILE A 462 -1.22 -18.31 -25.27
N HIS A 463 0.04 -18.64 -25.06
CA HIS A 463 0.63 -18.68 -23.73
C HIS A 463 1.44 -17.43 -23.42
N SER A 464 1.57 -16.52 -24.39
CA SER A 464 2.32 -15.29 -24.23
C SER A 464 1.78 -14.46 -23.06
N LYS A 465 2.63 -13.54 -22.58
CA LYS A 465 2.25 -12.54 -21.56
C LYS A 465 2.91 -11.22 -21.98
N VAL A 466 2.39 -10.60 -23.03
CA VAL A 466 3.03 -9.44 -23.62
C VAL A 466 2.02 -8.31 -23.79
N LEU A 467 2.49 -7.08 -23.62
CA LEU A 467 1.74 -5.88 -23.93
C LEU A 467 2.61 -4.96 -24.76
N ILE A 468 2.01 -4.35 -25.78
CA ILE A 468 2.67 -3.33 -26.60
C ILE A 468 1.80 -2.08 -26.58
N ALA A 469 2.44 -0.92 -26.39
CA ALA A 469 1.74 0.36 -26.42
C ALA A 469 2.40 1.28 -27.43
N ASP A 470 1.57 1.83 -28.32
CA ASP A 470 1.94 2.98 -29.17
C ASP A 470 3.14 2.69 -30.07
N ASP A 471 3.44 1.43 -30.37
CA ASP A 471 4.61 1.07 -31.16
C ASP A 471 5.90 1.61 -30.55
N ARG A 472 5.92 1.77 -29.21
CA ARG A 472 7.07 2.34 -28.53
C ARG A 472 7.45 1.64 -27.23
N THR A 473 6.51 0.96 -26.56
CA THR A 473 6.72 0.40 -25.25
C THR A 473 6.25 -1.05 -25.26
N VAL A 474 7.03 -1.94 -24.65
CA VAL A 474 6.73 -3.36 -24.59
C VAL A 474 6.94 -3.87 -23.17
N ILE A 475 6.01 -4.71 -22.70
CA ILE A 475 6.19 -5.47 -21.46
C ILE A 475 6.18 -6.95 -21.83
N ILE A 476 7.25 -7.66 -21.45
CA ILE A 476 7.36 -9.09 -21.68
C ILE A 476 7.71 -9.76 -20.37
N GLY A 477 6.98 -10.81 -20.01
CA GLY A 477 7.30 -11.52 -18.80
C GLY A 477 6.52 -12.79 -18.62
N SER A 478 6.45 -13.25 -17.38
CA SER A 478 5.70 -14.43 -17.01
C SER A 478 4.31 -14.12 -16.49
N ALA A 479 4.01 -12.85 -16.24
CA ALA A 479 2.80 -12.48 -15.50
C ALA A 479 1.59 -12.50 -16.41
N ASN A 480 0.65 -13.39 -16.12
CA ASN A 480 -0.66 -13.35 -16.74
C ASN A 480 -1.44 -12.15 -16.22
N ILE A 481 -2.52 -11.80 -16.94
CA ILE A 481 -3.42 -10.74 -16.50
C ILE A 481 -4.46 -11.43 -15.61
N ASN A 482 -4.11 -11.58 -14.34
CA ASN A 482 -5.01 -12.07 -13.30
C ASN A 482 -4.43 -11.66 -11.95
N ASP A 483 -5.21 -11.89 -10.89
CA ASP A 483 -4.75 -11.53 -9.56
C ASP A 483 -3.56 -12.40 -9.13
N ARG A 484 -3.55 -13.67 -9.53
CA ARG A 484 -2.48 -14.58 -9.14
C ARG A 484 -1.11 -14.02 -9.53
N SER A 485 -1.00 -13.47 -10.74
CA SER A 485 0.28 -12.95 -11.23
C SER A 485 0.56 -11.52 -10.78
N LEU A 486 -0.46 -10.68 -10.63
CA LEU A 486 -0.26 -9.25 -10.55
C LEU A 486 -0.24 -8.70 -9.13
N LEU A 487 -0.92 -9.35 -8.17
CA LEU A 487 -1.07 -8.76 -6.85
C LEU A 487 0.23 -8.75 -6.06
N GLY A 488 1.21 -9.57 -6.45
CA GLY A 488 2.45 -9.67 -5.70
C GLY A 488 2.37 -10.70 -4.59
N LYS A 489 1.27 -10.67 -3.83
CA LYS A 489 1.08 -11.54 -2.68
C LYS A 489 0.92 -13.01 -3.07
N ARG A 490 0.69 -13.32 -4.34
CA ARG A 490 0.37 -14.70 -4.72
C ARG A 490 1.54 -15.33 -5.46
N ASP A 491 1.40 -15.61 -6.75
CA ASP A 491 2.51 -16.22 -7.48
C ASP A 491 3.65 -15.21 -7.64
N SER A 492 4.88 -15.72 -7.65
CA SER A 492 6.02 -14.88 -7.98
C SER A 492 6.19 -14.82 -9.50
N GLU A 493 6.52 -13.62 -10.00
CA GLU A 493 6.56 -13.35 -11.44
C GLU A 493 7.68 -12.38 -11.76
N LEU A 494 8.09 -12.38 -13.03
CA LEU A 494 9.09 -11.46 -13.55
C LEU A 494 8.59 -10.85 -14.85
N ALA A 495 9.06 -9.63 -15.13
CA ALA A 495 8.81 -9.00 -16.42
C ALA A 495 9.89 -7.96 -16.67
N VAL A 496 10.00 -7.54 -17.93
CA VAL A 496 10.83 -6.41 -18.30
C VAL A 496 9.97 -5.39 -19.04
N LEU A 497 10.15 -4.12 -18.71
CA LEU A 497 9.53 -3.01 -19.41
C LEU A 497 10.57 -2.44 -20.37
N ILE A 498 10.28 -2.52 -21.66
CA ILE A 498 11.24 -2.15 -22.71
C ILE A 498 10.72 -0.91 -23.42
N GLU A 499 11.46 0.19 -23.29
CA GLU A 499 11.10 1.46 -23.91
C GLU A 499 12.15 1.82 -24.96
N ASP A 500 11.69 2.19 -26.14
CA ASP A 500 12.61 2.50 -27.22
C ASP A 500 13.16 3.91 -27.09
N THR A 501 14.45 4.05 -27.36
CA THR A 501 15.07 5.36 -27.55
C THR A 501 15.47 5.61 -28.99
N GLU A 502 15.64 4.56 -29.79
CA GLU A 502 15.86 4.67 -31.21
C GLU A 502 14.55 4.43 -31.94
N THR A 503 14.33 5.16 -33.03
CA THR A 503 13.04 5.14 -33.70
C THR A 503 13.22 4.95 -35.20
N GLU A 504 12.10 4.76 -35.89
CA GLU A 504 12.10 4.73 -37.34
C GLU A 504 10.79 5.33 -37.83
N PRO A 505 10.78 5.96 -39.00
CA PRO A 505 9.55 6.61 -39.48
C PRO A 505 8.47 5.59 -39.78
N SER A 506 7.26 5.85 -39.28
CA SER A 506 6.14 4.94 -39.45
C SER A 506 4.88 5.79 -39.63
N LEU A 507 3.73 5.17 -39.38
CA LEU A 507 2.44 5.83 -39.52
C LEU A 507 1.59 5.59 -38.28
N MET A 508 0.74 6.57 -37.98
CA MET A 508 -0.23 6.44 -36.89
C MET A 508 -1.47 7.21 -37.30
N ASN A 509 -2.52 6.49 -37.70
CA ASN A 509 -3.74 7.08 -38.24
C ASN A 509 -3.43 8.09 -39.34
N GLY A 510 -2.54 7.68 -40.26
CA GLY A 510 -2.23 8.46 -41.44
C GLY A 510 -1.16 9.52 -41.27
N ALA A 511 -0.79 9.86 -40.04
CA ALA A 511 0.21 10.88 -39.81
C ALA A 511 1.59 10.24 -39.64
N GLU A 512 2.63 10.98 -40.02
CA GLU A 512 3.98 10.49 -39.81
C GLU A 512 4.24 10.34 -38.31
N TYR A 513 4.91 9.26 -37.95
CA TYR A 513 5.03 8.87 -36.54
C TYR A 513 6.35 8.15 -36.33
N GLN A 514 7.15 8.66 -35.40
CA GLN A 514 8.43 8.02 -35.05
C GLN A 514 8.13 6.88 -34.08
N ALA A 515 8.13 5.66 -34.61
CA ALA A 515 7.87 4.47 -33.80
C ALA A 515 9.17 3.87 -33.29
N GLY A 516 9.10 3.21 -32.14
CA GLY A 516 10.29 2.60 -31.57
C GLY A 516 10.69 1.34 -32.32
N ARG A 517 12.01 1.14 -32.46
CA ARG A 517 12.50 0.06 -33.30
C ARG A 517 12.15 -1.31 -32.72
N PHE A 518 12.39 -1.51 -31.43
CA PHE A 518 12.09 -2.79 -30.78
C PHE A 518 10.59 -3.07 -30.81
N ALA A 519 9.79 -2.08 -30.41
CA ALA A 519 8.35 -2.29 -30.32
C ALA A 519 7.71 -2.47 -31.69
N LEU A 520 8.10 -1.65 -32.66
CA LEU A 520 7.50 -1.75 -33.99
C LEU A 520 7.84 -3.08 -34.66
N SER A 521 9.10 -3.53 -34.55
CA SER A 521 9.47 -4.80 -35.15
C SER A 521 8.68 -5.94 -34.53
N LEU A 522 8.51 -5.93 -33.22
CA LEU A 522 7.72 -6.97 -32.56
C LEU A 522 6.25 -6.90 -32.95
N ARG A 523 5.68 -5.69 -32.96
CA ARG A 523 4.26 -5.56 -33.29
C ARG A 523 3.99 -5.99 -34.73
N LYS A 524 4.85 -5.57 -35.66
CA LYS A 524 4.68 -5.97 -37.06
C LYS A 524 4.86 -7.48 -37.23
N HIS A 525 5.74 -8.10 -36.44
CA HIS A 525 5.89 -9.54 -36.53
C HIS A 525 4.66 -10.26 -36.01
N CYS A 526 4.06 -9.77 -34.93
CA CYS A 526 2.81 -10.35 -34.45
C CYS A 526 1.71 -10.19 -35.48
N PHE A 527 1.52 -8.96 -35.99
CA PHE A 527 0.47 -8.72 -36.98
C PHE A 527 0.69 -9.56 -38.24
N GLY A 528 1.93 -9.65 -38.70
CA GLY A 528 2.21 -10.35 -39.94
C GLY A 528 1.92 -11.83 -39.86
N VAL A 529 2.36 -12.48 -38.77
CA VAL A 529 2.07 -13.90 -38.58
C VAL A 529 0.58 -14.13 -38.41
N ILE A 530 -0.08 -13.26 -37.64
CA ILE A 530 -1.50 -13.44 -37.34
C ILE A 530 -2.35 -13.26 -38.58
N LEU A 531 -1.99 -12.29 -39.43
CA LEU A 531 -2.79 -11.99 -40.62
C LEU A 531 -2.31 -12.72 -41.87
N GLY A 532 -1.19 -13.43 -41.80
CA GLY A 532 -0.67 -14.17 -42.93
C GLY A 532 -0.03 -13.29 -43.99
N PRO A 537 1.71 -10.19 -47.25
CA PRO A 537 2.42 -10.16 -48.53
C PRO A 537 2.25 -8.82 -49.23
N ASP A 538 1.00 -8.44 -49.47
CA ASP A 538 0.64 -7.10 -49.90
C ASP A 538 -0.01 -6.31 -48.77
N LEU A 539 -0.07 -6.89 -47.57
CA LEU A 539 -0.71 -6.23 -46.43
C LEU A 539 0.13 -5.04 -45.97
N ASP A 540 -0.52 -3.91 -45.77
CA ASP A 540 0.14 -2.72 -45.24
C ASP A 540 -0.02 -2.73 -43.73
N LEU A 541 1.09 -2.99 -43.02
CA LEU A 541 1.09 -3.09 -41.57
C LEU A 541 1.73 -1.88 -40.90
N ARG A 542 2.00 -0.81 -41.65
CA ARG A 542 2.66 0.36 -41.07
C ARG A 542 1.77 1.05 -40.04
N ASP A 543 0.49 1.24 -40.38
CA ASP A 543 -0.43 1.99 -39.55
C ASP A 543 -1.29 1.03 -38.74
N PRO A 544 -1.16 1.02 -37.41
CA PRO A 544 -1.93 0.05 -36.61
C PRO A 544 -3.29 0.53 -36.12
N ILE A 545 -3.72 1.77 -36.40
CA ILE A 545 -4.98 2.25 -35.84
C ILE A 545 -5.92 2.88 -36.86
N CYS A 546 -5.44 3.11 -38.08
CA CYS A 546 -6.27 3.78 -39.07
C CYS A 546 -7.52 2.96 -39.38
N ASP A 547 -8.59 3.67 -39.76
CA ASP A 547 -9.89 3.03 -39.99
C ASP A 547 -9.78 1.85 -40.96
N ASP A 548 -9.06 2.04 -42.07
CA ASP A 548 -8.97 0.99 -43.07
C ASP A 548 -8.34 -0.27 -42.49
N PHE A 549 -7.28 -0.12 -41.68
CA PHE A 549 -6.65 -1.33 -41.14
C PHE A 549 -7.52 -1.97 -40.07
N PHE A 550 -8.11 -1.17 -39.18
CA PHE A 550 -8.93 -1.75 -38.12
C PHE A 550 -10.11 -2.50 -38.69
N GLN A 551 -10.72 -1.97 -39.76
CA GLN A 551 -11.79 -2.69 -40.44
C GLN A 551 -11.28 -3.99 -41.05
N LEU A 552 -10.10 -3.93 -41.67
CA LEU A 552 -9.51 -5.13 -42.26
C LEU A 552 -9.26 -6.19 -41.20
N TRP A 553 -8.77 -5.79 -40.03
CA TRP A 553 -8.56 -6.72 -38.92
C TRP A 553 -9.87 -7.39 -38.51
N GLN A 554 -10.92 -6.60 -38.28
CA GLN A 554 -12.19 -7.16 -37.85
C GLN A 554 -12.81 -8.04 -38.93
N ASP A 555 -12.73 -7.61 -40.19
CA ASP A 555 -13.29 -8.40 -41.28
C ASP A 555 -12.63 -9.77 -41.38
N MET A 556 -11.30 -9.82 -41.25
CA MET A 556 -10.59 -11.10 -41.35
C MET A 556 -10.90 -11.99 -40.15
N ALA A 557 -10.92 -11.42 -38.94
CA ALA A 557 -11.26 -12.21 -37.77
C ALA A 557 -12.64 -12.82 -37.89
N GLU A 558 -13.61 -12.06 -38.41
CA GLU A 558 -14.95 -12.59 -38.57
C GLU A 558 -15.00 -13.61 -39.71
N SER A 559 -14.34 -13.31 -40.83
CA SER A 559 -14.37 -14.21 -41.98
C SER A 559 -13.73 -15.56 -41.65
N ASN A 560 -12.55 -15.54 -41.01
CA ASN A 560 -11.89 -16.78 -40.64
C ASN A 560 -12.73 -17.57 -39.64
N ALA A 561 -13.28 -16.90 -38.64
CA ALA A 561 -14.11 -17.58 -37.66
C ALA A 561 -15.29 -18.27 -38.32
N ASN A 562 -15.91 -17.59 -39.30
CA ASN A 562 -17.06 -18.18 -39.99
C ASN A 562 -16.67 -19.40 -40.81
N ILE A 563 -15.52 -19.35 -41.49
CA ILE A 563 -15.07 -20.48 -42.30
C ILE A 563 -14.76 -21.67 -41.40
N TYR A 564 -14.01 -21.43 -40.32
CA TYR A 564 -13.66 -22.52 -39.41
C TYR A 564 -14.91 -23.15 -38.81
N GLU A 565 -15.92 -22.34 -38.51
CA GLU A 565 -17.17 -22.89 -37.99
C GLU A 565 -17.92 -23.67 -39.05
N GLN A 566 -17.87 -23.21 -40.30
CA GLN A 566 -18.55 -23.92 -41.38
C GLN A 566 -17.91 -25.27 -41.68
N ILE A 567 -16.59 -25.37 -41.53
CA ILE A 567 -15.88 -26.58 -41.92
C ILE A 567 -15.73 -27.55 -40.75
N PHE A 568 -15.42 -27.04 -39.56
CA PHE A 568 -15.08 -27.87 -38.43
C PHE A 568 -16.10 -27.88 -37.30
N ARG A 569 -17.05 -26.93 -37.30
CA ARG A 569 -17.99 -26.78 -36.17
C ARG A 569 -17.24 -26.75 -34.85
N CYS A 570 -16.14 -26.02 -34.81
CA CYS A 570 -15.24 -26.04 -33.66
C CYS A 570 -15.78 -25.17 -32.53
N LEU A 571 -15.40 -25.54 -31.31
CA LEU A 571 -15.77 -24.85 -30.09
C LEU A 571 -14.55 -24.13 -29.52
N PRO A 572 -14.75 -22.98 -28.84
CA PRO A 572 -16.02 -22.32 -28.55
C PRO A 572 -16.68 -21.68 -29.77
N SER A 573 -17.96 -21.36 -29.65
CA SER A 573 -18.72 -20.83 -30.76
C SER A 573 -19.90 -20.04 -30.22
N ASN A 574 -20.30 -19.01 -30.97
CA ASN A 574 -21.50 -18.27 -30.62
C ASN A 574 -22.77 -19.06 -30.91
N ALA A 575 -22.66 -20.22 -31.58
CA ALA A 575 -23.83 -21.04 -31.90
C ALA A 575 -24.31 -21.88 -30.73
N THR A 576 -23.51 -22.03 -29.67
CA THR A 576 -23.86 -22.85 -28.52
C THR A 576 -23.90 -21.96 -27.29
N ARG A 577 -25.06 -21.39 -27.00
CA ARG A 577 -25.21 -20.48 -25.88
C ARG A 577 -25.69 -21.18 -24.62
N SER A 578 -26.04 -22.47 -24.70
CA SER A 578 -26.41 -23.24 -23.53
C SER A 578 -25.85 -24.65 -23.67
N LEU A 579 -25.77 -25.35 -22.54
CA LEU A 579 -25.40 -26.76 -22.59
C LEU A 579 -26.45 -27.58 -23.32
N ARG A 580 -27.72 -27.14 -23.23
CA ARG A 580 -28.80 -27.77 -23.98
C ARG A 580 -28.49 -27.77 -25.48
N THR A 581 -28.21 -26.58 -26.05
CA THR A 581 -27.92 -26.51 -27.47
C THR A 581 -26.57 -27.08 -27.82
N LEU A 582 -25.61 -27.03 -26.88
CA LEU A 582 -24.31 -27.64 -27.13
C LEU A 582 -24.45 -29.15 -27.32
N ARG A 583 -25.34 -29.78 -26.54
CA ARG A 583 -25.53 -31.23 -26.65
C ARG A 583 -25.97 -31.63 -28.06
N GLU A 584 -26.93 -30.88 -28.63
CA GLU A 584 -27.37 -31.18 -29.97
C GLU A 584 -26.34 -30.77 -31.01
N TYR A 585 -25.58 -29.71 -30.74
CA TYR A 585 -24.63 -29.18 -31.72
C TYR A 585 -23.50 -30.15 -32.00
N VAL A 586 -22.95 -30.78 -30.97
CA VAL A 586 -21.78 -31.63 -31.15
C VAL A 586 -22.12 -33.01 -31.69
N ALA A 587 -23.40 -33.36 -31.78
CA ALA A 587 -23.80 -34.63 -32.35
C ALA A 587 -23.81 -34.62 -33.87
N VAL A 588 -23.44 -33.50 -34.48
CA VAL A 588 -23.43 -33.35 -35.94
C VAL A 588 -22.01 -33.54 -36.43
N GLU A 589 -21.83 -34.36 -37.46
CA GLU A 589 -20.51 -34.56 -38.03
C GLU A 589 -20.14 -33.35 -38.90
N PRO A 590 -18.98 -32.74 -38.69
CA PRO A 590 -18.62 -31.56 -39.49
C PRO A 590 -18.19 -31.93 -40.90
N LEU A 591 -18.25 -30.91 -41.77
CA LEU A 591 -17.92 -31.09 -43.18
C LEU A 591 -16.49 -31.57 -43.39
N ALA A 592 -15.58 -31.30 -42.45
CA ALA A 592 -14.19 -31.72 -42.60
C ALA A 592 -14.07 -33.21 -42.92
N THR A 593 -14.88 -34.05 -42.25
CA THR A 593 -14.83 -35.48 -42.49
C THR A 593 -15.96 -35.99 -43.37
N VAL A 594 -17.09 -35.28 -43.43
CA VAL A 594 -18.18 -35.68 -44.32
C VAL A 594 -17.73 -35.59 -45.77
N SER A 595 -17.03 -34.51 -46.12
CA SER A 595 -16.57 -34.30 -47.50
C SER A 595 -15.23 -33.57 -47.45
N PRO A 596 -14.14 -34.31 -47.30
CA PRO A 596 -12.80 -33.68 -47.24
C PRO A 596 -12.51 -32.81 -48.46
N PRO A 597 -12.91 -33.22 -49.68
CA PRO A 597 -12.69 -32.31 -50.83
C PRO A 597 -13.42 -30.97 -50.69
N LEU A 598 -14.72 -31.00 -50.36
CA LEU A 598 -15.46 -29.76 -50.18
C LEU A 598 -14.86 -28.92 -49.05
N ALA A 599 -14.41 -29.57 -47.99
CA ALA A 599 -13.82 -28.85 -46.87
C ALA A 599 -12.51 -28.18 -47.28
N ARG A 600 -11.68 -28.87 -48.05
CA ARG A 600 -10.40 -28.30 -48.48
C ARG A 600 -10.62 -27.09 -49.37
N SER A 601 -11.61 -27.14 -50.26
CA SER A 601 -11.89 -26.02 -51.14
C SER A 601 -12.25 -24.77 -50.34
N GLU A 602 -13.14 -24.92 -49.35
CA GLU A 602 -13.54 -23.77 -48.55
C GLU A 602 -12.39 -23.25 -47.69
N LEU A 603 -11.49 -24.14 -47.24
CA LEU A 603 -10.40 -23.71 -46.36
C LEU A 603 -9.39 -22.83 -47.07
N THR A 604 -9.36 -22.84 -48.41
CA THR A 604 -8.46 -21.95 -49.13
C THR A 604 -8.80 -20.48 -48.92
N GLN A 605 -10.01 -20.18 -48.44
CA GLN A 605 -10.40 -18.80 -48.19
C GLN A 605 -9.95 -18.27 -46.83
N VAL A 606 -9.35 -19.12 -45.98
CA VAL A 606 -8.77 -18.64 -44.73
C VAL A 606 -7.49 -17.88 -45.05
N GLN A 607 -7.27 -16.76 -44.36
CA GLN A 607 -6.03 -16.01 -44.46
C GLN A 607 -5.55 -15.67 -43.06
N GLY A 608 -4.35 -16.14 -42.73
CA GLY A 608 -3.84 -15.95 -41.40
C GLY A 608 -4.53 -16.86 -40.40
N HIS A 609 -4.32 -16.56 -39.12
CA HIS A 609 -4.87 -17.35 -38.03
C HIS A 609 -5.90 -16.61 -37.19
N LEU A 610 -6.18 -15.35 -37.50
CA LEU A 610 -7.02 -14.51 -36.64
C LEU A 610 -8.48 -14.94 -36.72
N VAL A 611 -9.11 -15.13 -35.54
CA VAL A 611 -10.53 -15.42 -35.45
C VAL A 611 -11.11 -14.58 -34.33
N HIS A 612 -12.32 -14.06 -34.53
CA HIS A 612 -13.08 -13.46 -33.44
C HIS A 612 -13.19 -14.42 -32.26
N PHE A 613 -13.02 -13.86 -31.06
CA PHE A 613 -13.27 -14.56 -29.77
C PHE A 613 -14.76 -14.60 -29.42
N PRO A 614 -15.44 -15.75 -29.59
CA PRO A 614 -16.92 -15.77 -29.44
C PRO A 614 -17.43 -15.31 -28.08
N LEU A 615 -18.12 -14.18 -28.05
CA LEU A 615 -18.55 -13.60 -26.78
C LEU A 615 -19.80 -14.23 -26.19
N LYS A 616 -20.53 -15.06 -26.96
CA LYS A 616 -21.79 -15.61 -26.49
C LYS A 616 -21.68 -17.08 -26.08
N PHE A 617 -20.50 -17.68 -26.13
CA PHE A 617 -20.37 -19.11 -25.85
C PHE A 617 -20.85 -19.42 -24.44
N LEU A 618 -21.88 -20.28 -24.34
CA LEU A 618 -22.45 -20.73 -23.07
C LEU A 618 -22.90 -19.55 -22.20
N GLU A 619 -23.36 -18.47 -22.83
CA GLU A 619 -23.76 -17.29 -22.05
C GLU A 619 -25.01 -17.54 -21.21
N ASP A 620 -25.78 -18.57 -21.52
CA ASP A 620 -26.97 -18.89 -20.74
C ASP A 620 -26.67 -19.69 -19.47
N GLU A 621 -25.44 -20.17 -19.30
CA GLU A 621 -25.05 -20.95 -18.14
C GLU A 621 -24.33 -20.07 -17.11
N SER A 622 -24.31 -20.55 -15.87
CA SER A 622 -23.68 -19.81 -14.79
C SER A 622 -22.15 -19.91 -14.82
N LEU A 623 -21.62 -21.11 -15.08
CA LEU A 623 -20.23 -21.45 -15.34
C LEU A 623 -19.37 -21.51 -14.08
N LEU A 624 -19.86 -21.15 -12.91
CA LEU A 624 -19.06 -21.29 -11.69
C LEU A 624 -19.27 -22.65 -11.07
N GLY A 632 -16.17 -26.48 -6.08
CA GLY A 632 -17.17 -25.84 -5.24
C GLY A 632 -16.59 -25.24 -3.98
N MET A 633 -15.88 -26.06 -3.20
CA MET A 633 -15.24 -25.61 -1.98
C MET A 633 -13.80 -25.17 -2.20
N ILE A 634 -13.29 -25.30 -3.43
CA ILE A 634 -12.02 -24.66 -3.77
C ILE A 634 -12.17 -23.15 -3.63
N PRO A 635 -11.27 -22.45 -2.95
CA PRO A 635 -11.38 -20.99 -2.86
C PRO A 635 -11.39 -20.38 -4.26
N LEU A 636 -12.24 -19.36 -4.42
CA LEU A 636 -12.38 -18.73 -5.74
C LEU A 636 -11.07 -18.13 -6.22
N GLU A 637 -10.22 -17.67 -5.30
CA GLU A 637 -8.95 -17.06 -5.70
C GLU A 637 -8.00 -18.04 -6.36
N VAL A 638 -8.33 -19.34 -6.37
CA VAL A 638 -7.55 -20.30 -7.15
C VAL A 638 -7.65 -19.99 -8.63
N TRP A 639 -8.82 -19.51 -9.07
CA TRP A 639 -9.11 -19.30 -10.49
C TRP A 639 -8.76 -17.91 -10.98
N THR A 640 -8.67 -16.93 -10.09
CA THR A 640 -8.39 -15.57 -10.50
C THR A 640 -6.87 -15.35 -10.53
N ARG B 22 19.17 19.54 42.45
CA ARG B 22 20.30 19.16 41.62
C ARG B 22 20.61 20.27 40.63
N ASP B 23 21.81 20.22 40.05
CA ASP B 23 22.42 21.40 39.45
C ASP B 23 22.43 21.32 37.93
N PHE B 24 22.80 22.44 37.32
CA PHE B 24 22.76 22.65 35.89
C PHE B 24 24.14 23.02 35.36
N LEU B 25 25.18 22.34 35.87
CA LEU B 25 26.53 22.50 35.35
C LEU B 25 26.81 21.53 34.19
N GLN B 26 26.07 20.42 34.12
CA GLN B 26 26.28 19.39 33.12
C GLN B 26 24.94 19.04 32.48
N LEU B 27 25.00 18.29 31.39
CA LEU B 27 23.82 17.63 30.85
C LEU B 27 23.65 16.28 31.53
N HIS B 28 22.43 15.74 31.45
CA HIS B 28 22.06 14.57 32.23
C HIS B 28 21.54 13.48 31.30
N ARG B 29 20.80 12.54 31.88
CA ARG B 29 20.22 11.43 31.12
C ARG B 29 19.40 11.96 29.94
N HIS B 30 19.52 11.26 28.81
CA HIS B 30 18.90 11.66 27.54
C HIS B 30 19.39 13.01 27.06
N ASP B 31 20.56 13.45 27.55
CA ASP B 31 21.16 14.73 27.18
C ASP B 31 20.20 15.90 27.47
N SER B 32 19.47 15.78 28.57
CA SER B 32 18.56 16.83 29.01
C SER B 32 19.29 17.83 29.89
N TYR B 33 18.79 19.06 29.90
CA TYR B 33 19.32 20.09 30.78
C TYR B 33 19.00 19.83 32.26
N ALA B 34 18.03 18.96 32.54
CA ALA B 34 17.60 18.71 33.91
C ALA B 34 17.75 17.23 34.26
N PRO B 35 18.12 16.92 35.50
CA PRO B 35 18.26 15.51 35.90
C PRO B 35 16.92 14.93 36.33
N PRO B 36 16.79 13.60 36.35
CA PRO B 36 15.59 12.99 36.91
C PRO B 36 15.40 13.37 38.37
N ARG B 37 14.15 13.56 38.77
CA ARG B 37 13.82 13.97 40.14
C ARG B 37 13.04 12.86 40.84
N PRO B 38 13.68 12.05 41.65
CA PRO B 38 12.96 11.01 42.39
C PRO B 38 12.06 11.62 43.46
N GLY B 39 11.06 10.84 43.86
CA GLY B 39 10.14 11.29 44.89
C GLY B 39 9.31 12.49 44.50
N THR B 40 8.93 12.60 43.23
CA THR B 40 8.14 13.73 42.74
C THR B 40 6.66 13.38 42.75
N LEU B 41 5.84 14.29 43.25
CA LEU B 41 4.39 14.15 43.22
C LEU B 41 3.87 14.54 41.84
N ALA B 42 3.24 13.60 41.15
CA ALA B 42 2.79 13.81 39.78
C ALA B 42 1.36 13.30 39.60
N ARG B 43 0.62 13.99 38.76
CA ARG B 43 -0.82 13.76 38.58
C ARG B 43 -1.18 14.01 37.13
N TRP B 44 -1.72 12.99 36.45
CA TRP B 44 -2.11 13.14 35.05
C TRP B 44 -3.55 13.65 34.93
N PHE B 45 -3.84 14.24 33.77
CA PHE B 45 -5.17 14.69 33.40
C PHE B 45 -5.47 14.24 31.97
N VAL B 46 -6.65 13.68 31.76
CA VAL B 46 -7.16 13.41 30.41
C VAL B 46 -8.33 14.35 30.18
N ASN B 47 -8.28 15.08 29.05
CA ASN B 47 -9.21 16.14 28.66
C ASN B 47 -8.98 17.40 29.48
N GLY B 48 -9.50 18.53 28.99
CA GLY B 48 -9.18 19.81 29.59
C GLY B 48 -9.93 20.15 30.86
N ALA B 49 -11.07 19.51 31.11
CA ALA B 49 -11.92 19.89 32.24
C ALA B 49 -11.16 19.82 33.56
N GLY B 50 -10.57 18.65 33.87
CA GLY B 50 -9.81 18.53 35.10
C GLY B 50 -8.53 19.35 35.08
N TYR B 51 -7.89 19.43 33.91
CA TYR B 51 -6.66 20.20 33.77
C TYR B 51 -6.90 21.68 34.03
N PHE B 52 -7.88 22.26 33.34
CA PHE B 52 -8.15 23.70 33.49
C PHE B 52 -8.65 24.02 34.89
N ALA B 53 -9.45 23.13 35.49
CA ALA B 53 -9.93 23.37 36.84
C ALA B 53 -8.78 23.34 37.85
N ALA B 54 -7.83 22.43 37.65
CA ALA B 54 -6.68 22.37 38.55
C ALA B 54 -5.77 23.57 38.36
N VAL B 55 -5.61 24.05 37.12
CA VAL B 55 -4.85 25.26 36.86
C VAL B 55 -5.48 26.45 37.59
N ALA B 56 -6.81 26.55 37.54
CA ALA B 56 -7.50 27.63 38.24
C ALA B 56 -7.22 27.57 39.74
N ASP B 57 -7.31 26.37 40.32
CA ASP B 57 -7.05 26.24 41.76
C ASP B 57 -5.62 26.63 42.11
N ALA B 58 -4.67 26.31 41.23
CA ALA B 58 -3.27 26.66 41.49
C ALA B 58 -3.06 28.18 41.37
N ILE B 59 -3.73 28.81 40.41
CA ILE B 59 -3.62 30.27 40.25
C ILE B 59 -4.11 30.97 41.52
N LEU B 60 -5.19 30.46 42.11
CA LEU B 60 -5.72 31.06 43.33
C LEU B 60 -4.70 31.01 44.47
N ARG B 61 -3.91 29.93 44.53
CA ARG B 61 -2.94 29.78 45.61
C ARG B 61 -1.62 30.50 45.35
N ALA B 62 -1.47 31.14 44.19
CA ALA B 62 -0.22 31.81 43.87
C ALA B 62 0.05 32.94 44.85
N GLN B 63 1.32 33.06 45.28
CA GLN B 63 1.71 34.10 46.21
C GLN B 63 2.81 35.01 45.69
N GLU B 64 3.60 34.59 44.71
CA GLU B 64 4.72 35.41 44.25
C GLU B 64 4.73 35.57 42.74
N GLU B 65 4.83 34.46 42.00
CA GLU B 65 5.03 34.50 40.56
C GLU B 65 4.14 33.48 39.86
N ILE B 66 3.76 33.81 38.63
CA ILE B 66 3.12 32.88 37.71
C ILE B 66 3.81 33.02 36.36
N PHE B 67 4.34 31.92 35.84
CA PHE B 67 4.95 31.88 34.52
C PHE B 67 4.02 31.14 33.57
N ILE B 68 3.84 31.68 32.36
CA ILE B 68 2.94 31.09 31.36
C ILE B 68 3.61 31.12 30.00
N THR B 69 3.65 29.97 29.33
CA THR B 69 3.96 29.90 27.91
C THR B 69 2.78 29.29 27.17
N ASP B 70 2.48 29.84 25.99
CA ASP B 70 1.39 29.30 25.19
C ASP B 70 1.70 29.53 23.71
N TRP B 71 1.43 28.51 22.90
CA TRP B 71 1.33 28.72 21.48
C TRP B 71 0.17 29.67 21.16
N TRP B 72 -0.95 29.49 21.87
CA TRP B 72 -2.11 30.36 21.77
C TRP B 72 -2.74 30.50 23.15
N LEU B 73 -2.96 31.74 23.56
CA LEU B 73 -3.63 32.04 24.82
C LEU B 73 -4.87 32.88 24.51
N SER B 74 -6.05 32.33 24.84
CA SER B 74 -7.30 33.06 24.69
C SER B 74 -7.61 33.73 26.02
N PRO B 75 -7.52 35.06 26.13
CA PRO B 75 -7.65 35.69 27.45
C PRO B 75 -8.98 35.45 28.13
N GLU B 76 -10.07 35.36 27.37
CA GLU B 76 -11.41 35.26 27.95
C GLU B 76 -11.89 33.82 28.11
N VAL B 77 -11.01 32.83 27.97
CA VAL B 77 -11.43 31.44 28.16
C VAL B 77 -11.73 31.20 29.63
N TYR B 78 -12.73 30.36 29.89
CA TYR B 78 -13.11 30.01 31.25
C TYR B 78 -12.44 28.71 31.67
N LEU B 79 -11.93 28.69 32.90
CA LEU B 79 -11.25 27.52 33.43
C LEU B 79 -12.19 26.53 34.12
N LYS B 80 -13.43 26.94 34.39
CA LYS B 80 -14.46 26.06 34.91
C LYS B 80 -15.77 26.37 34.19
N ARG B 81 -16.55 25.34 33.93
CA ARG B 81 -17.77 25.45 33.13
C ARG B 81 -18.94 24.80 33.85
N PRO B 82 -20.17 25.29 33.64
CA PRO B 82 -20.50 26.46 32.81
C PRO B 82 -20.24 27.76 33.56
N ALA B 83 -19.87 28.80 32.83
CA ALA B 83 -19.62 30.09 33.46
C ALA B 83 -20.92 30.72 33.92
N HIS B 84 -20.89 31.30 35.12
CA HIS B 84 -22.01 32.07 35.64
C HIS B 84 -21.64 33.50 35.98
N SER B 85 -20.36 33.86 35.96
CA SER B 85 -19.91 35.19 36.33
C SER B 85 -18.50 35.38 35.77
N ASP B 86 -17.86 36.50 36.15
CA ASP B 86 -16.47 36.72 35.80
C ASP B 86 -15.54 35.74 36.49
N ASP B 87 -16.00 35.10 37.57
CA ASP B 87 -15.18 34.14 38.28
C ASP B 87 -14.74 33.01 37.34
N TRP B 88 -13.51 32.56 37.53
CA TRP B 88 -12.89 31.45 36.81
C TRP B 88 -12.55 31.78 35.36
N ARG B 89 -12.71 33.04 34.94
CA ARG B 89 -12.20 33.44 33.63
C ARG B 89 -10.71 33.75 33.76
N LEU B 90 -9.92 33.26 32.80
CA LEU B 90 -8.47 33.30 32.92
C LEU B 90 -7.95 34.72 33.15
N ASP B 91 -8.37 35.66 32.32
CA ASP B 91 -7.86 37.03 32.44
C ASP B 91 -8.27 37.66 33.76
N ILE B 92 -9.50 37.37 34.22
CA ILE B 92 -9.95 37.89 35.51
C ILE B 92 -9.10 37.33 36.65
N MET B 93 -8.80 36.03 36.59
CA MET B 93 -8.01 35.42 37.65
C MET B 93 -6.60 36.01 37.69
N LEU B 94 -5.97 36.16 36.52
CA LEU B 94 -4.63 36.74 36.47
C LEU B 94 -4.62 38.18 36.96
N LYS B 95 -5.64 38.96 36.59
CA LYS B 95 -5.72 40.34 37.01
C LYS B 95 -5.86 40.45 38.52
N ARG B 96 -6.68 39.59 39.13
CA ARG B 96 -6.86 39.64 40.58
C ARG B 96 -5.59 39.30 41.32
N LYS B 97 -4.85 38.28 40.86
CA LYS B 97 -3.59 37.93 41.52
C LYS B 97 -2.55 39.03 41.33
N ALA B 98 -2.51 39.63 40.13
CA ALA B 98 -1.56 40.71 39.88
C ALA B 98 -1.81 41.89 40.81
N GLU B 99 -3.09 42.15 41.12
CA GLU B 99 -3.42 43.21 42.07
C GLU B 99 -2.86 42.92 43.45
N GLU B 100 -2.77 41.64 43.83
CA GLU B 100 -2.25 41.24 45.13
C GLU B 100 -0.74 41.17 45.16
N GLY B 101 -0.06 41.56 44.08
CA GLY B 101 1.38 41.57 44.04
C GLY B 101 2.01 40.41 43.28
N VAL B 102 1.21 39.52 42.71
CA VAL B 102 1.77 38.41 41.95
C VAL B 102 2.30 38.93 40.63
N ARG B 103 3.55 38.58 40.31
CA ARG B 103 4.19 38.98 39.06
C ARG B 103 3.92 37.89 38.03
N VAL B 104 3.12 38.22 37.02
CA VAL B 104 2.72 37.27 35.97
C VAL B 104 3.58 37.55 34.74
N SER B 105 4.41 36.58 34.37
CA SER B 105 5.27 36.67 33.20
C SER B 105 4.81 35.68 32.15
N ILE B 106 4.56 36.16 30.94
CA ILE B 106 3.91 35.37 29.90
C ILE B 106 4.75 35.43 28.62
N LEU B 107 5.01 34.27 28.04
CA LEU B 107 5.70 34.16 26.75
C LEU B 107 4.73 33.58 25.72
N LEU B 108 4.44 34.35 24.68
CA LEU B 108 3.51 33.96 23.64
C LEU B 108 4.23 33.79 22.31
N PHE B 109 3.75 32.84 21.51
CA PHE B 109 4.27 32.69 20.15
C PHE B 109 3.74 33.83 19.28
N LYS B 110 4.63 34.47 18.54
CA LYS B 110 4.27 35.54 17.62
C LYS B 110 4.13 34.95 16.23
N GLU B 111 2.90 34.85 15.76
CA GLU B 111 2.61 34.25 14.46
C GLU B 111 2.78 35.28 13.35
N VAL B 112 2.98 34.77 12.13
CA VAL B 112 2.81 35.57 10.93
C VAL B 112 1.31 35.79 10.75
N GLU B 113 0.88 37.06 10.79
CA GLU B 113 -0.53 37.36 11.08
C GLU B 113 -1.47 36.73 10.06
N LEU B 114 -1.15 36.84 8.78
CA LEU B 114 -2.05 36.27 7.78
C LEU B 114 -1.88 34.75 7.66
N ALA B 115 -0.83 34.17 8.24
CA ALA B 115 -0.63 32.73 8.13
C ALA B 115 -1.47 31.97 9.16
N LEU B 116 -1.55 32.48 10.39
CA LEU B 116 -2.34 31.87 11.45
C LEU B 116 -3.30 32.89 12.01
N GLY B 117 -4.45 32.41 12.49
CA GLY B 117 -5.45 33.30 13.05
C GLY B 117 -5.53 33.28 14.57
N ILE B 118 -4.38 33.07 15.23
CA ILE B 118 -4.39 33.04 16.69
C ILE B 118 -4.39 34.42 17.31
N ASN B 119 -3.95 35.44 16.57
CA ASN B 119 -4.00 36.85 17.01
C ASN B 119 -3.31 37.04 18.35
N SER B 120 -2.00 36.76 18.36
CA SER B 120 -1.21 36.96 19.57
C SER B 120 -1.14 38.44 19.96
N GLY B 121 -1.30 39.33 18.98
CA GLY B 121 -1.35 40.75 19.29
C GLY B 121 -2.53 41.12 20.16
N TYR B 122 -3.71 40.59 19.83
CA TYR B 122 -4.88 40.81 20.69
C TYR B 122 -4.66 40.21 22.07
N SER B 123 -4.07 39.01 22.12
CA SER B 123 -3.82 38.36 23.40
C SER B 123 -2.90 39.21 24.27
N LYS B 124 -1.80 39.70 23.69
CA LYS B 124 -0.82 40.46 24.47
C LYS B 124 -1.43 41.77 24.97
N ARG B 125 -2.04 42.54 24.06
CA ARG B 125 -2.67 43.79 24.45
C ARG B 125 -3.68 43.58 25.56
N ALA B 126 -4.59 42.61 25.39
CA ALA B 126 -5.61 42.36 26.41
C ALA B 126 -4.98 41.98 27.75
N LEU B 127 -3.90 41.21 27.72
CA LEU B 127 -3.27 40.76 28.97
C LEU B 127 -2.56 41.92 29.66
N MET B 128 -1.79 42.71 28.90
CA MET B 128 -1.05 43.83 29.51
C MET B 128 -1.98 44.88 30.09
N LEU B 129 -3.15 45.07 29.48
CA LEU B 129 -4.11 46.06 29.96
C LEU B 129 -4.63 45.75 31.35
N LEU B 130 -4.49 44.50 31.82
CA LEU B 130 -5.14 44.09 33.06
C LEU B 130 -4.49 44.72 34.29
N HIS B 131 -3.16 44.65 34.38
CA HIS B 131 -2.45 45.16 35.55
C HIS B 131 -0.99 45.33 35.19
N PRO B 132 -0.30 46.33 35.76
CA PRO B 132 1.13 46.50 35.47
C PRO B 132 1.98 45.31 35.88
N ASN B 133 1.53 44.49 36.83
CA ASN B 133 2.30 43.32 37.25
C ASN B 133 2.26 42.19 36.24
N ILE B 134 1.50 42.33 35.16
CA ILE B 134 1.43 41.32 34.10
C ILE B 134 2.26 41.80 32.92
N LYS B 135 3.28 41.03 32.59
CA LYS B 135 4.24 41.38 31.55
C LYS B 135 4.22 40.29 30.49
N VAL B 136 4.12 40.68 29.23
CA VAL B 136 4.02 39.75 28.11
C VAL B 136 5.11 40.07 27.10
N MET B 137 5.80 39.04 26.64
CA MET B 137 6.72 39.15 25.52
C MET B 137 6.32 38.15 24.45
N ARG B 138 6.39 38.58 23.19
CA ARG B 138 6.12 37.73 22.05
C ARG B 138 7.43 37.41 21.33
N HIS B 139 7.45 36.27 20.65
CA HIS B 139 8.65 35.79 19.98
C HIS B 139 8.23 34.73 18.99
N PRO B 140 8.88 34.64 17.81
CA PRO B 140 9.98 35.49 17.36
C PRO B 140 9.51 36.71 16.56
N ASP B 141 10.32 37.77 16.54
CA ASP B 141 10.03 38.89 15.64
C ASP B 141 10.51 38.59 14.23
N GLN B 142 11.75 38.14 14.11
CA GLN B 142 12.24 37.52 12.88
C GLN B 142 11.26 36.44 12.44
N VAL B 143 10.99 36.38 11.14
CA VAL B 143 10.00 35.44 10.62
C VAL B 143 10.70 34.16 10.20
N THR B 144 10.15 33.03 10.64
CA THR B 144 10.71 31.72 10.38
C THR B 144 9.56 30.75 10.19
N LEU B 145 9.90 29.51 9.85
CA LEU B 145 8.88 28.48 9.72
C LEU B 145 8.43 27.92 11.06
N TRP B 146 9.21 28.11 12.11
CA TRP B 146 9.02 27.40 13.37
C TRP B 146 8.35 28.28 14.41
N ALA B 147 7.91 27.63 15.49
CA ALA B 147 7.06 28.27 16.48
C ALA B 147 7.47 27.84 17.88
N HIS B 148 7.04 28.64 18.86
CA HIS B 148 7.12 28.26 20.26
C HIS B 148 5.86 27.48 20.61
N HIS B 149 6.01 26.18 20.82
CA HIS B 149 4.87 25.28 20.90
C HIS B 149 4.56 24.79 22.31
N GLU B 150 5.50 24.91 23.24
CA GLU B 150 5.32 24.33 24.56
C GLU B 150 4.18 25.03 25.31
N LYS B 151 3.42 24.25 26.07
CA LYS B 151 2.34 24.77 26.91
C LYS B 151 2.74 24.56 28.35
N LEU B 152 2.78 25.65 29.12
CA LEU B 152 3.33 25.59 30.47
C LEU B 152 2.67 26.64 31.36
N LEU B 153 2.44 26.27 32.61
CA LEU B 153 2.05 27.22 33.65
C LEU B 153 2.70 26.79 34.95
N VAL B 154 3.53 27.66 35.54
CA VAL B 154 4.25 27.38 36.78
C VAL B 154 3.86 28.40 37.83
N VAL B 155 3.50 27.93 39.01
CA VAL B 155 3.11 28.79 40.12
C VAL B 155 4.23 28.76 41.15
N ASP B 156 4.82 29.93 41.42
CA ASP B 156 5.83 30.11 42.47
C ASP B 156 7.01 29.15 42.31
N GLN B 157 7.31 28.77 41.07
CA GLN B 157 8.42 27.88 40.73
C GLN B 157 8.35 26.54 41.45
N VAL B 158 7.16 26.13 41.92
CA VAL B 158 7.04 24.88 42.69
C VAL B 158 5.89 24.00 42.21
N VAL B 159 4.93 24.49 41.43
CA VAL B 159 3.87 23.68 40.86
C VAL B 159 3.77 24.02 39.38
N ALA B 160 3.86 23.00 38.53
CA ALA B 160 3.95 23.22 37.08
C ALA B 160 2.96 22.33 36.33
N PHE B 161 2.28 22.93 35.36
CA PHE B 161 1.35 22.23 34.48
C PHE B 161 1.91 22.24 33.06
N LEU B 162 1.81 21.10 32.38
CA LEU B 162 2.23 21.03 30.98
C LEU B 162 1.45 19.90 30.30
N GLY B 163 1.76 19.68 29.04
CA GLY B 163 1.01 18.72 28.24
C GLY B 163 0.64 19.30 26.89
N GLY B 164 -0.47 18.84 26.32
CA GLY B 164 -0.89 19.30 25.00
C GLY B 164 -1.91 20.41 24.99
N LEU B 165 -2.36 20.88 26.15
CA LEU B 165 -3.46 21.83 26.24
C LEU B 165 -2.93 23.25 26.36
N ASP B 166 -3.25 24.08 25.36
CA ASP B 166 -3.12 25.52 25.51
C ASP B 166 -4.33 26.06 26.28
N LEU B 167 -4.14 27.22 26.93
CA LEU B 167 -5.26 27.92 27.56
C LEU B 167 -5.98 28.71 26.46
N ALA B 168 -6.76 27.98 25.66
CA ALA B 168 -7.30 28.54 24.43
C ALA B 168 -8.67 27.94 24.12
N TYR B 169 -9.38 28.60 23.20
CA TYR B 169 -10.71 28.16 22.80
C TYR B 169 -10.66 26.77 22.15
N GLY B 170 -11.75 26.03 22.33
CA GLY B 170 -11.89 24.72 21.74
C GLY B 170 -11.25 23.58 22.51
N ARG B 171 -10.45 23.87 23.53
CA ARG B 171 -9.67 22.86 24.23
C ARG B 171 -10.43 22.19 25.37
N TRP B 172 -11.34 22.91 26.02
CA TRP B 172 -12.06 22.35 27.15
C TRP B 172 -12.99 21.24 26.70
N ASP B 173 -12.92 20.10 27.37
CA ASP B 173 -13.82 18.98 27.09
C ASP B 173 -13.77 18.01 28.26
N ASP B 174 -14.65 17.02 28.23
CA ASP B 174 -14.70 15.97 29.24
C ASP B 174 -15.11 14.66 28.57
N LEU B 175 -15.38 13.63 29.39
CA LEU B 175 -15.76 12.32 28.89
C LEU B 175 -17.03 12.33 28.05
N HIS B 176 -17.87 13.34 28.22
CA HIS B 176 -19.10 13.39 27.44
C HIS B 176 -18.84 13.70 25.98
N TYR B 177 -17.71 14.33 25.66
CA TYR B 177 -17.34 14.71 24.30
C TYR B 177 -18.55 15.21 23.54
N ARG B 178 -19.19 16.24 24.10
CA ARG B 178 -20.47 16.72 23.58
C ARG B 178 -20.32 17.27 22.17
N LEU B 179 -21.23 16.87 21.29
CA LEU B 179 -21.30 17.42 19.94
C LEU B 179 -22.16 18.66 19.87
N THR B 180 -23.01 18.90 20.86
CA THR B 180 -23.91 20.04 20.85
C THR B 180 -23.80 20.82 22.16
N ASP B 181 -24.25 22.07 22.13
CA ASP B 181 -24.18 22.98 23.26
C ASP B 181 -25.34 23.97 23.12
N LEU B 182 -26.56 23.46 23.27
CA LEU B 182 -27.77 24.24 23.06
C LEU B 182 -28.38 24.79 24.34
N GLY B 183 -27.93 24.31 25.50
CA GLY B 183 -28.48 24.76 26.77
C GLY B 183 -29.87 24.21 27.04
N PRO B 204 -21.28 41.06 28.29
CA PRO B 204 -22.53 40.30 28.36
C PRO B 204 -22.75 39.65 29.72
N ASP B 205 -23.99 39.67 30.20
CA ASP B 205 -24.32 39.11 31.51
C ASP B 205 -24.41 37.60 31.42
N LEU B 206 -23.82 36.92 32.42
CA LEU B 206 -23.74 35.47 32.44
C LEU B 206 -24.65 34.83 33.48
N SER B 207 -25.57 35.59 34.07
CA SER B 207 -26.39 35.07 35.16
C SER B 207 -27.33 33.96 34.71
N HIS B 208 -27.63 33.86 33.41
CA HIS B 208 -28.54 32.85 32.91
C HIS B 208 -27.84 31.80 32.08
N ASN B 209 -26.51 31.77 32.08
CA ASN B 209 -25.77 30.98 31.11
C ASN B 209 -25.87 29.49 31.39
N GLN B 210 -26.18 28.72 30.34
CA GLN B 210 -26.19 27.27 30.39
C GLN B 210 -25.22 26.65 29.38
N PHE B 211 -24.49 27.47 28.63
CA PHE B 211 -23.59 26.97 27.61
C PHE B 211 -22.26 26.54 28.24
N PHE B 212 -21.73 25.42 27.78
CA PHE B 212 -20.40 24.99 28.20
C PHE B 212 -19.31 25.68 27.39
N TRP B 213 -19.59 26.02 26.13
CA TRP B 213 -18.64 26.69 25.25
C TRP B 213 -19.27 27.98 24.76
N LEU B 214 -18.90 29.10 25.39
CA LEU B 214 -19.46 30.40 25.03
C LEU B 214 -18.75 30.97 23.80
N GLY B 215 -19.55 31.52 22.87
CA GLY B 215 -19.03 32.25 21.73
C GLY B 215 -17.92 31.56 20.95
N LYS B 216 -16.75 32.18 20.90
CA LYS B 216 -15.64 31.65 20.11
C LYS B 216 -15.14 30.31 20.64
N ASP B 217 -15.51 29.93 21.87
CA ASP B 217 -15.09 28.65 22.42
C ASP B 217 -15.80 27.49 21.76
N TYR B 218 -17.01 27.72 21.23
CA TYR B 218 -17.74 26.71 20.48
C TYR B 218 -17.19 26.69 19.05
N SER B 219 -16.53 25.60 18.67
CA SER B 219 -15.81 25.61 17.40
C SER B 219 -15.66 24.20 16.85
N ASN B 220 -15.44 24.15 15.54
CA ASN B 220 -15.02 22.93 14.85
C ASN B 220 -13.91 23.35 13.90
N LEU B 221 -12.66 23.14 14.34
CA LEU B 221 -11.52 23.67 13.60
C LEU B 221 -11.39 23.08 12.20
N ILE B 222 -11.97 21.91 11.95
CA ILE B 222 -11.97 21.38 10.59
C ILE B 222 -13.07 22.03 9.77
N THR B 223 -14.23 22.30 10.37
CA THR B 223 -15.30 22.99 9.66
C THR B 223 -14.92 24.43 9.34
N LYS B 224 -14.30 25.13 10.29
CA LYS B 224 -14.03 26.56 10.12
C LYS B 224 -13.03 27.03 11.16
N ASP B 225 -11.97 27.69 10.69
CA ASP B 225 -10.94 28.23 11.58
C ASP B 225 -11.46 29.47 12.30
N TRP B 226 -10.86 29.76 13.46
CA TRP B 226 -11.28 30.89 14.27
C TRP B 226 -11.08 32.20 13.53
N VAL B 227 -12.01 33.14 13.75
CA VAL B 227 -11.94 34.49 13.20
C VAL B 227 -12.44 35.45 14.27
N GLN B 228 -12.02 36.71 14.13
CA GLN B 228 -12.50 37.81 14.97
C GLN B 228 -12.42 37.47 16.46
N LEU B 229 -11.20 37.20 16.92
CA LEU B 229 -11.00 36.82 18.30
C LEU B 229 -11.14 37.99 19.27
N ASP B 230 -11.22 39.22 18.77
CA ASP B 230 -11.55 40.36 19.61
C ASP B 230 -13.04 40.49 19.87
N ARG B 231 -13.85 39.57 19.35
CA ARG B 231 -15.26 39.43 19.69
C ARG B 231 -15.43 38.07 20.36
N PRO B 232 -14.93 37.91 21.58
CA PRO B 232 -14.80 36.57 22.17
C PRO B 232 -16.13 35.89 22.48
N PHE B 233 -17.21 36.63 22.64
CA PHE B 233 -18.48 36.04 23.09
C PHE B 233 -19.51 35.95 21.97
N GLU B 234 -19.11 36.17 20.73
CA GLU B 234 -19.98 35.97 19.57
C GLU B 234 -19.68 34.63 18.92
N ASP B 235 -20.74 33.92 18.51
CA ASP B 235 -20.55 32.68 17.78
C ASP B 235 -20.04 32.95 16.38
N PHE B 236 -19.26 32.01 15.84
CA PHE B 236 -18.83 32.06 14.46
C PHE B 236 -19.20 30.82 13.66
N ILE B 237 -19.86 29.84 14.29
CA ILE B 237 -20.57 28.78 13.59
C ILE B 237 -21.94 28.65 14.24
N ASP B 238 -22.86 28.03 13.52
CA ASP B 238 -24.27 27.96 13.93
C ASP B 238 -24.48 26.78 14.87
N ARG B 239 -24.72 27.09 16.14
CA ARG B 239 -24.98 26.05 17.16
C ARG B 239 -26.10 25.11 16.73
N GLU B 240 -27.14 25.65 16.11
CA GLU B 240 -28.33 24.85 15.81
C GLU B 240 -28.08 23.84 14.69
N THR B 241 -27.08 24.07 13.84
CA THR B 241 -26.86 23.22 12.68
C THR B 241 -25.46 22.63 12.61
N THR B 242 -24.49 23.15 13.35
CA THR B 242 -23.08 22.78 13.19
C THR B 242 -22.51 22.18 14.47
N PRO B 243 -22.22 20.89 14.50
CA PRO B 243 -21.71 20.26 15.72
C PRO B 243 -20.31 20.73 16.10
N ARG B 244 -20.04 20.62 17.40
CA ARG B 244 -18.72 20.82 17.97
C ARG B 244 -17.71 19.82 17.42
N MET B 245 -16.43 20.17 17.54
CA MET B 245 -15.36 19.21 17.40
C MET B 245 -14.90 18.78 18.78
N PRO B 246 -15.19 17.56 19.24
CA PRO B 246 -14.70 17.12 20.55
C PRO B 246 -13.17 17.12 20.58
N TRP B 247 -12.64 17.54 21.72
CA TRP B 247 -11.20 17.74 21.89
C TRP B 247 -10.70 16.81 22.98
N ARG B 248 -9.82 15.88 22.61
CA ARG B 248 -9.19 14.97 23.57
C ARG B 248 -7.72 15.33 23.71
N ASP B 249 -7.24 15.39 24.94
CA ASP B 249 -5.87 15.83 25.22
C ASP B 249 -5.42 15.22 26.54
N VAL B 250 -4.13 15.36 26.81
CA VAL B 250 -3.52 14.82 28.03
C VAL B 250 -2.60 15.89 28.62
N GLY B 251 -2.74 16.12 29.93
CA GLY B 251 -1.86 17.01 30.65
C GLY B 251 -1.34 16.35 31.92
N VAL B 252 -0.56 17.13 32.68
CA VAL B 252 0.06 16.62 33.89
C VAL B 252 0.48 17.80 34.75
N VAL B 253 0.43 17.61 36.07
CA VAL B 253 0.98 18.56 37.03
C VAL B 253 2.08 17.86 37.82
N VAL B 254 3.20 18.54 38.00
CA VAL B 254 4.32 18.03 38.78
C VAL B 254 4.67 19.05 39.85
N HIS B 255 5.16 18.56 40.99
CA HIS B 255 5.46 19.39 42.15
C HIS B 255 6.94 19.32 42.49
N GLY B 256 7.44 20.41 43.08
CA GLY B 256 8.77 20.37 43.66
C GLY B 256 9.86 20.60 42.65
N LEU B 257 10.89 19.77 42.70
CA LEU B 257 12.08 19.99 41.89
C LEU B 257 11.82 20.00 40.39
N PRO B 258 11.02 19.09 39.81
CA PRO B 258 10.73 19.21 38.37
C PRO B 258 10.03 20.50 38.00
N ALA B 259 9.16 21.02 38.88
CA ALA B 259 8.55 22.32 38.62
C ALA B 259 9.59 23.43 38.64
N ARG B 260 10.58 23.32 39.53
CA ARG B 260 11.72 24.23 39.51
C ARG B 260 12.46 24.16 38.19
N ASP B 261 12.70 22.95 37.69
CA ASP B 261 13.38 22.78 36.41
C ASP B 261 12.57 23.41 35.27
N LEU B 262 11.24 23.25 35.31
CA LEU B 262 10.40 23.85 34.28
C LEU B 262 10.38 25.38 34.42
N ALA B 263 10.38 25.88 35.65
CA ALA B 263 10.53 27.32 35.85
C ALA B 263 11.87 27.82 35.31
N ARG B 264 12.90 26.99 35.38
CA ARG B 264 14.22 27.41 34.88
C ARG B 264 14.23 27.47 33.35
N HIS B 265 13.52 26.57 32.69
CA HIS B 265 13.37 26.68 31.24
C HIS B 265 12.67 27.98 30.86
N PHE B 266 11.62 28.35 31.60
CA PHE B 266 10.93 29.59 31.34
C PHE B 266 11.86 30.79 31.54
N ILE B 267 12.59 30.80 32.65
CA ILE B 267 13.49 31.91 32.97
C ILE B 267 14.56 32.05 31.90
N GLN B 268 15.12 30.91 31.45
CA GLN B 268 16.11 30.94 30.38
C GLN B 268 15.54 31.58 29.12
N ARG B 269 14.33 31.16 28.73
CA ARG B 269 13.69 31.74 27.55
C ARG B 269 13.34 33.21 27.77
N TRP B 270 12.88 33.55 28.98
CA TRP B 270 12.50 34.92 29.27
C TRP B 270 13.69 35.86 29.18
N ASN B 271 14.80 35.50 29.84
CA ASN B 271 15.99 36.36 29.78
C ASN B 271 16.59 36.37 28.38
N PHE B 272 16.44 35.28 27.62
CA PHE B 272 16.94 35.26 26.25
C PHE B 272 16.12 36.16 25.35
N THR B 273 14.79 36.10 25.46
CA THR B 273 13.92 36.95 24.64
C THR B 273 14.18 38.43 24.90
N LYS B 274 14.58 38.76 26.13
CA LYS B 274 14.95 40.13 26.47
C LYS B 274 15.91 40.72 25.46
N THR B 275 16.95 39.98 25.11
CA THR B 275 18.04 40.47 24.26
C THR B 275 17.72 40.37 22.77
N THR B 276 16.45 40.18 22.40
CA THR B 276 16.06 40.10 21.01
C THR B 276 15.33 41.34 20.50
N LYS B 277 15.00 42.27 21.39
CA LYS B 277 14.23 43.45 21.04
C LYS B 277 14.65 44.60 21.95
N ALA B 278 14.81 45.79 21.37
CA ALA B 278 15.22 46.95 22.16
C ALA B 278 14.18 47.28 23.24
N LYS B 279 12.90 47.11 22.93
CA LYS B 279 11.86 47.37 23.91
C LYS B 279 11.93 46.35 25.06
N TYR B 280 12.20 45.08 24.73
CA TYR B 280 12.26 44.05 25.76
C TYR B 280 13.52 44.16 26.62
N LYS B 281 14.54 44.87 26.16
CA LYS B 281 15.73 45.12 26.99
C LYS B 281 15.46 46.11 28.10
N THR B 282 14.31 46.80 28.08
CA THR B 282 14.03 47.82 29.07
C THR B 282 13.76 47.20 30.44
N PRO B 283 14.06 47.94 31.51
CA PRO B 283 13.74 47.44 32.86
C PRO B 283 12.26 47.19 33.11
N THR B 284 11.36 47.71 32.27
CA THR B 284 9.94 47.42 32.45
C THR B 284 9.69 45.91 32.45
N TYR B 285 10.39 45.19 31.58
CA TYR B 285 10.53 43.75 31.73
C TYR B 285 11.76 43.48 32.58
N PRO B 286 11.63 42.86 33.74
CA PRO B 286 12.82 42.55 34.55
C PRO B 286 13.36 41.16 34.28
N TYR B 287 14.61 40.96 34.69
CA TYR B 287 15.20 39.63 34.65
C TYR B 287 14.51 38.72 35.64
N LEU B 288 14.34 37.46 35.26
CA LEU B 288 13.84 36.46 36.19
C LEU B 288 15.00 35.61 36.69
N LEU B 289 14.88 35.12 37.91
CA LEU B 289 15.94 34.36 38.54
C LEU B 289 15.38 33.08 39.14
N PRO B 290 16.07 31.96 38.97
CA PRO B 290 15.63 30.70 39.59
C PRO B 290 15.61 30.81 41.11
N LYS B 291 14.52 30.35 41.70
CA LYS B 291 14.34 30.40 43.15
C LYS B 291 15.22 29.37 43.85
N THR B 302 2.16 23.84 48.73
CA THR B 302 0.77 23.50 48.43
C THR B 302 0.72 22.45 47.32
N LEU B 303 -0.36 21.66 47.33
CA LEU B 303 -0.47 20.47 46.49
C LEU B 303 -1.90 20.30 45.98
N PRO B 304 -2.08 20.05 44.68
CA PRO B 304 -3.27 19.28 44.27
C PRO B 304 -3.24 17.85 44.76
N GLY B 305 -2.07 17.22 44.77
CA GLY B 305 -1.91 15.81 45.09
C GLY B 305 -1.45 15.02 43.87
N GLY B 306 -1.35 13.71 44.07
CA GLY B 306 -1.00 12.81 42.97
C GLY B 306 -0.23 11.60 43.47
N GLN B 307 0.56 11.01 42.57
CA GLN B 307 1.32 9.79 42.83
C GLN B 307 2.82 10.09 42.88
N CYS B 308 3.51 9.40 43.80
CA CYS B 308 4.96 9.56 43.95
C CYS B 308 5.68 8.84 42.80
N THR B 309 6.51 9.57 42.06
CA THR B 309 7.16 9.05 40.86
C THR B 309 8.55 9.68 40.73
N THR B 310 9.30 9.23 39.74
CA THR B 310 10.51 9.90 39.30
C THR B 310 10.20 10.64 38.01
N VAL B 311 10.49 11.95 37.99
CA VAL B 311 10.11 12.82 36.88
C VAL B 311 11.36 13.51 36.36
N GLN B 312 11.56 13.47 35.05
CA GLN B 312 12.64 14.21 34.40
C GLN B 312 12.05 15.12 33.34
N VAL B 313 12.44 16.39 33.37
CA VAL B 313 12.02 17.36 32.36
C VAL B 313 12.86 17.17 31.10
N LEU B 314 12.21 17.30 29.95
CA LEU B 314 12.83 17.18 28.65
C LEU B 314 12.36 18.33 27.78
N ARG B 315 13.13 18.65 26.73
CA ARG B 315 12.72 19.76 25.88
C ARG B 315 13.36 19.64 24.50
N SER B 316 12.77 20.40 23.56
CA SER B 316 13.35 20.69 22.27
C SER B 316 13.57 22.20 22.22
N VAL B 317 14.82 22.62 22.04
CA VAL B 317 15.14 24.04 21.86
C VAL B 317 16.29 24.16 20.87
N ASP B 318 16.42 25.35 20.30
CA ASP B 318 17.46 25.67 19.32
C ASP B 318 18.05 27.03 19.66
N ARG B 319 19.10 27.40 18.93
CA ARG B 319 19.68 28.74 19.07
C ARG B 319 18.62 29.82 18.85
N TRP B 320 17.71 29.59 17.89
CA TRP B 320 16.72 30.63 17.57
C TRP B 320 15.71 30.79 18.70
N SER B 321 15.34 29.70 19.36
CA SER B 321 14.26 29.71 20.34
C SER B 321 14.74 29.92 21.76
N ALA B 322 15.95 29.49 22.09
CA ALA B 322 16.43 29.63 23.46
C ALA B 322 17.93 29.90 23.57
N GLY B 323 18.65 30.06 22.46
CA GLY B 323 20.08 30.26 22.54
C GLY B 323 20.89 29.03 22.87
N THR B 324 20.27 27.85 22.83
CA THR B 324 20.97 26.61 23.10
C THR B 324 20.22 25.48 22.41
N LEU B 325 20.92 24.38 22.14
CA LEU B 325 20.39 23.28 21.34
C LEU B 325 20.15 22.07 22.23
N GLU B 326 18.94 21.50 22.12
CA GLU B 326 18.60 20.31 22.89
C GLU B 326 17.48 19.58 22.17
N ASN B 327 17.60 18.24 22.10
CA ASN B 327 16.52 17.40 21.59
C ASN B 327 16.34 16.19 22.50
N SER B 328 16.17 16.45 23.80
CA SER B 328 16.07 15.38 24.77
C SER B 328 14.70 14.71 24.78
N ILE B 329 13.65 15.37 24.26
CA ILE B 329 12.37 14.68 24.10
C ILE B 329 12.52 13.52 23.13
N LEU B 330 13.14 13.78 21.99
CA LEU B 330 13.40 12.72 21.01
C LEU B 330 14.27 11.63 21.61
N ASN B 331 15.34 12.02 22.30
CA ASN B 331 16.22 11.02 22.92
C ASN B 331 15.44 10.13 23.88
N ALA B 332 14.57 10.72 24.69
CA ALA B 332 13.78 9.93 25.63
C ALA B 332 12.80 9.02 24.91
N TYR B 333 12.22 9.50 23.80
CA TYR B 333 11.31 8.66 23.03
C TYR B 333 12.02 7.43 22.49
N LEU B 334 13.16 7.62 21.83
CA LEU B 334 13.88 6.50 21.24
C LEU B 334 14.32 5.50 22.32
N HIS B 335 14.87 6.02 23.43
CA HIS B 335 15.32 5.12 24.49
C HIS B 335 14.16 4.33 25.10
N THR B 336 13.02 4.99 25.35
CA THR B 336 11.89 4.32 25.95
C THR B 336 11.35 3.21 25.04
N ILE B 337 11.29 3.47 23.73
CA ILE B 337 10.84 2.46 22.79
C ILE B 337 11.82 1.29 22.75
N ARG B 338 13.13 1.60 22.69
CA ARG B 338 14.15 0.56 22.59
C ARG B 338 14.13 -0.36 23.81
N GLU B 339 13.94 0.21 25.00
CA GLU B 339 14.04 -0.55 26.24
C GLU B 339 12.71 -1.15 26.69
N SER B 340 11.61 -0.83 26.01
CA SER B 340 10.32 -1.39 26.39
C SER B 340 10.35 -2.91 26.27
N GLN B 341 9.58 -3.56 27.13
CA GLN B 341 9.58 -5.02 27.19
C GLN B 341 8.26 -5.66 26.84
N HIS B 342 7.15 -4.92 26.86
CA HIS B 342 5.85 -5.53 26.73
C HIS B 342 4.93 -4.81 25.75
N PHE B 343 4.78 -3.49 25.90
CA PHE B 343 3.86 -2.80 25.00
C PHE B 343 4.13 -1.31 24.99
N LEU B 344 3.68 -0.67 23.92
CA LEU B 344 3.62 0.79 23.82
C LEU B 344 2.17 1.19 23.55
N TYR B 345 1.75 2.29 24.18
CA TYR B 345 0.49 2.94 23.89
C TYR B 345 0.80 4.37 23.49
N ILE B 346 0.49 4.72 22.25
CA ILE B 346 0.84 6.01 21.68
C ILE B 346 -0.46 6.71 21.30
N GLU B 347 -0.70 7.87 21.89
CA GLU B 347 -1.81 8.74 21.55
C GLU B 347 -1.20 10.07 21.16
N ASN B 348 -1.26 10.40 19.86
CA ASN B 348 -0.57 11.59 19.39
C ASN B 348 -1.35 12.24 18.26
N GLN B 349 -1.26 13.57 18.19
CA GLN B 349 -1.91 14.32 17.13
C GLN B 349 -1.31 13.99 15.76
N PHE B 350 0.00 13.74 15.72
CA PHE B 350 0.69 13.45 14.47
C PHE B 350 1.47 12.14 14.60
N PHE B 351 1.75 11.53 13.44
CA PHE B 351 2.54 10.30 13.38
C PHE B 351 3.32 10.36 12.06
N ILE B 352 4.38 11.15 12.05
CA ILE B 352 5.15 11.43 10.85
C ILE B 352 6.60 11.06 11.18
N SER B 353 7.05 9.90 10.68
CA SER B 353 8.34 9.36 11.08
C SER B 353 8.85 8.44 9.96
N CYS B 354 9.76 7.53 10.32
CA CYS B 354 10.45 6.62 9.40
C CYS B 354 11.35 7.41 8.46
N SER B 355 12.64 7.47 8.80
CA SER B 355 13.56 8.40 8.16
C SER B 355 14.03 7.88 6.80
N ASP B 356 14.03 8.78 5.81
CA ASP B 356 14.72 8.55 4.56
C ASP B 356 16.01 9.36 4.45
N GLY B 357 16.37 10.08 5.50
CA GLY B 357 17.59 10.86 5.53
C GLY B 357 17.50 12.23 4.89
N ARG B 358 16.36 12.61 4.31
CA ARG B 358 16.29 13.89 3.62
C ARG B 358 14.97 14.63 3.84
N THR B 359 13.83 13.97 3.68
CA THR B 359 12.54 14.63 3.87
C THR B 359 11.94 14.40 5.25
N VAL B 360 12.05 13.19 5.79
CA VAL B 360 11.66 12.87 7.16
C VAL B 360 12.88 12.31 7.88
N LEU B 361 13.22 12.90 9.02
CA LEU B 361 14.50 12.64 9.67
C LEU B 361 14.38 11.87 10.98
N ASN B 362 13.36 12.13 11.80
CA ASN B 362 13.30 11.49 13.11
C ASN B 362 13.08 9.98 12.97
N LYS B 363 13.61 9.22 13.92
CA LYS B 363 13.66 7.76 13.81
C LYS B 363 12.73 7.07 14.81
N VAL B 364 11.68 7.75 15.28
CA VAL B 364 10.74 7.12 16.21
C VAL B 364 10.07 5.91 15.55
N GLY B 365 9.60 6.07 14.32
CA GLY B 365 8.98 4.96 13.62
C GLY B 365 9.96 3.83 13.32
N ASP B 366 11.23 4.16 13.07
CA ASP B 366 12.23 3.13 12.84
C ASP B 366 12.49 2.31 14.10
N GLU B 367 12.53 2.96 15.26
CA GLU B 367 12.71 2.24 16.52
C GLU B 367 11.53 1.33 16.82
N ILE B 368 10.32 1.76 16.46
CA ILE B 368 9.14 0.92 16.66
C ILE B 368 9.22 -0.31 15.78
N VAL B 369 9.59 -0.13 14.51
CA VAL B 369 9.75 -1.26 13.60
C VAL B 369 10.80 -2.22 14.15
N ASP B 370 11.96 -1.69 14.54
CA ASP B 370 13.04 -2.53 15.06
C ASP B 370 12.59 -3.29 16.31
N ARG B 371 11.82 -2.65 17.18
CA ARG B 371 11.38 -3.29 18.41
C ARG B 371 10.40 -4.41 18.11
N ILE B 372 9.48 -4.19 17.18
CA ILE B 372 8.52 -5.22 16.80
C ILE B 372 9.24 -6.40 16.17
N LEU B 373 10.17 -6.12 15.24
CA LEU B 373 10.92 -7.19 14.59
C LEU B 373 11.69 -8.01 15.61
N LYS B 374 12.28 -7.35 16.61
CA LYS B 374 13.02 -8.06 17.65
C LYS B 374 12.08 -8.95 18.45
N ALA B 375 10.90 -8.44 18.79
CA ALA B 375 9.92 -9.25 19.54
C ALA B 375 9.51 -10.48 18.75
N HIS B 376 9.19 -10.29 17.46
CA HIS B 376 8.78 -11.40 16.62
C HIS B 376 9.90 -12.42 16.46
N LYS B 377 11.15 -11.94 16.30
CA LYS B 377 12.26 -12.86 16.13
C LYS B 377 12.51 -13.67 17.39
N GLN B 378 12.43 -13.03 18.55
CA GLN B 378 12.67 -13.72 19.82
C GLN B 378 11.46 -14.50 20.30
N GLY B 379 10.28 -14.23 19.74
CA GLY B 379 9.08 -14.96 20.09
C GLY B 379 8.30 -14.40 21.26
N TRP B 380 8.57 -13.16 21.68
CA TRP B 380 7.91 -12.61 22.85
C TRP B 380 6.64 -11.85 22.46
N CYS B 381 5.66 -11.90 23.34
CA CYS B 381 4.44 -11.12 23.16
C CYS B 381 4.74 -9.63 23.28
N TYR B 382 4.36 -8.86 22.28
CA TYR B 382 4.62 -7.43 22.26
C TYR B 382 3.54 -6.75 21.43
N ARG B 383 3.00 -5.65 21.93
CA ARG B 383 1.91 -4.94 21.25
C ARG B 383 2.21 -3.45 21.18
N VAL B 384 1.79 -2.83 20.09
CA VAL B 384 1.88 -1.38 19.91
C VAL B 384 0.49 -0.87 19.57
N TYR B 385 -0.05 -0.01 20.43
CA TYR B 385 -1.32 0.66 20.19
C TYR B 385 -1.02 2.09 19.74
N VAL B 386 -1.54 2.48 18.57
CA VAL B 386 -1.41 3.84 18.06
C VAL B 386 -2.81 4.42 17.90
N LEU B 387 -3.04 5.58 18.52
CA LEU B 387 -4.31 6.28 18.43
C LEU B 387 -4.06 7.67 17.86
N LEU B 388 -4.67 7.95 16.73
CA LEU B 388 -4.46 9.19 15.99
C LEU B 388 -5.80 9.81 15.65
N PRO B 389 -5.85 11.13 15.45
CA PRO B 389 -7.08 11.75 14.95
C PRO B 389 -7.38 11.26 13.54
N LEU B 390 -8.66 11.00 13.28
CA LEU B 390 -9.04 10.48 11.97
C LEU B 390 -8.67 11.45 10.86
N LEU B 391 -8.65 12.74 11.16
CA LEU B 391 -8.29 13.78 10.20
C LEU B 391 -7.39 14.79 10.90
N PRO B 392 -6.46 15.40 10.16
CA PRO B 392 -5.63 16.45 10.77
C PRO B 392 -6.46 17.70 11.04
N GLY B 393 -6.07 18.40 12.11
CA GLY B 393 -6.80 19.58 12.54
C GLY B 393 -6.54 20.82 11.71
N PHE B 394 -7.00 20.80 10.46
CA PHE B 394 -6.92 21.95 9.57
C PHE B 394 -8.27 22.15 8.90
N GLU B 395 -8.60 23.42 8.63
CA GLU B 395 -9.86 23.71 7.97
C GLU B 395 -9.88 23.08 6.57
N GLY B 396 -11.01 22.48 6.23
CA GLY B 396 -11.14 21.84 4.93
C GLY B 396 -12.38 20.97 4.83
N ASP B 397 -12.84 20.75 3.60
CA ASP B 397 -14.04 19.95 3.33
C ASP B 397 -13.57 18.57 2.90
N ILE B 398 -13.64 17.60 3.83
CA ILE B 398 -13.18 16.25 3.52
C ILE B 398 -14.04 15.60 2.44
N SER B 399 -15.27 16.06 2.24
CA SER B 399 -16.12 15.47 1.20
C SER B 399 -15.54 15.69 -0.19
N THR B 400 -14.77 16.75 -0.38
CA THR B 400 -14.11 17.03 -1.66
C THR B 400 -12.61 16.79 -1.61
N GLY B 401 -12.15 15.96 -0.67
CA GLY B 401 -10.75 15.60 -0.55
C GLY B 401 -10.03 16.21 0.62
N GLY B 402 -10.59 17.23 1.25
CA GLY B 402 -10.05 17.81 2.46
C GLY B 402 -9.24 19.08 2.27
N GLY B 403 -8.78 19.36 1.05
CA GLY B 403 -7.90 20.49 0.81
C GLY B 403 -6.44 20.10 0.95
N ASN B 404 -5.58 21.04 0.52
CA ASN B 404 -4.15 20.72 0.38
C ASN B 404 -3.48 20.50 1.72
N SER B 405 -3.87 21.26 2.76
CA SER B 405 -3.26 21.09 4.07
C SER B 405 -3.57 19.72 4.64
N ILE B 406 -4.84 19.33 4.64
CA ILE B 406 -5.23 18.01 5.13
C ILE B 406 -4.57 16.91 4.30
N GLN B 407 -4.54 17.09 2.97
CA GLN B 407 -3.97 16.06 2.11
C GLN B 407 -2.46 15.93 2.31
N ALA B 408 -1.78 17.05 2.55
CA ALA B 408 -0.33 17.01 2.76
C ALA B 408 0.01 16.27 4.05
N ILE B 409 -0.74 16.50 5.12
CA ILE B 409 -0.51 15.80 6.37
C ILE B 409 -0.86 14.33 6.23
N LEU B 410 -1.93 14.02 5.50
CA LEU B 410 -2.31 12.62 5.29
C LEU B 410 -1.24 11.87 4.52
N HIS B 411 -0.63 12.52 3.53
CA HIS B 411 0.43 11.88 2.75
C HIS B 411 1.57 11.40 3.66
N PHE B 412 1.98 12.24 4.61
CA PHE B 412 3.08 11.86 5.48
C PHE B 412 2.62 10.93 6.59
N THR B 413 1.34 10.98 6.97
CA THR B 413 0.81 10.03 7.92
C THR B 413 0.80 8.62 7.32
N TYR B 414 0.25 8.48 6.12
CA TYR B 414 0.21 7.17 5.47
C TYR B 414 1.61 6.71 5.09
N ARG B 415 2.52 7.64 4.79
CA ARG B 415 3.90 7.27 4.51
C ARG B 415 4.53 6.59 5.72
N THR B 416 4.20 7.05 6.93
CA THR B 416 4.71 6.40 8.13
C THR B 416 4.02 5.05 8.34
N LEU B 417 2.72 4.99 8.07
CA LEU B 417 1.93 3.84 8.49
C LEU B 417 2.03 2.67 7.51
N CYS B 418 1.69 2.90 6.24
CA CYS B 418 1.45 1.75 5.37
C CYS B 418 1.78 1.96 3.90
N ARG B 419 2.24 3.12 3.47
CA ARG B 419 2.43 3.38 2.04
C ARG B 419 3.89 3.69 1.76
N GLY B 420 4.55 2.79 1.05
CA GLY B 420 5.92 3.00 0.62
C GLY B 420 6.91 2.13 1.39
N GLU B 421 8.14 2.13 0.88
CA GLU B 421 9.19 1.26 1.38
C GLU B 421 9.60 1.61 2.82
N TYR B 422 9.33 2.82 3.28
CA TYR B 422 9.71 3.23 4.62
C TYR B 422 8.63 2.97 5.65
N SER B 423 7.43 2.61 5.23
CA SER B 423 6.30 2.53 6.15
C SER B 423 6.44 1.32 7.07
N ILE B 424 5.82 1.44 8.25
CA ILE B 424 5.90 0.38 9.25
C ILE B 424 5.32 -0.92 8.72
N LEU B 425 4.12 -0.85 8.13
CA LEU B 425 3.45 -2.07 7.69
C LEU B 425 4.21 -2.74 6.56
N HIS B 426 4.73 -1.97 5.61
CA HIS B 426 5.51 -2.55 4.53
C HIS B 426 6.71 -3.32 5.06
N ARG B 427 7.41 -2.75 6.04
CA ARG B 427 8.60 -3.41 6.59
C ARG B 427 8.23 -4.59 7.49
N LEU B 428 7.11 -4.51 8.20
CA LEU B 428 6.67 -5.65 9.00
C LEU B 428 6.20 -6.79 8.10
N LYS B 429 5.44 -6.47 7.05
CA LYS B 429 4.98 -7.50 6.12
C LYS B 429 6.16 -8.25 5.50
N ALA B 430 7.22 -7.52 5.14
CA ALA B 430 8.38 -8.15 4.52
C ALA B 430 8.99 -9.22 5.41
N ALA B 431 8.90 -9.05 6.73
CA ALA B 431 9.50 -9.98 7.69
C ALA B 431 8.55 -11.04 8.20
N MET B 432 7.24 -10.76 8.24
CA MET B 432 6.31 -11.68 8.88
C MET B 432 4.96 -11.78 8.20
N GLY B 433 4.76 -11.14 7.04
CA GLY B 433 3.50 -11.27 6.33
C GLY B 433 2.33 -10.73 7.13
N THR B 434 1.22 -11.47 7.10
CA THR B 434 0.00 -11.06 7.79
C THR B 434 0.15 -11.01 9.30
N ALA B 435 1.21 -11.59 9.86
CA ALA B 435 1.39 -11.60 11.31
C ALA B 435 1.65 -10.21 11.89
N TRP B 436 1.77 -9.18 11.05
CA TRP B 436 1.97 -7.83 11.57
C TRP B 436 0.81 -7.40 12.46
N ARG B 437 -0.41 -7.92 12.21
CA ARG B 437 -1.56 -7.58 13.04
C ARG B 437 -1.44 -8.08 14.47
N ASP B 438 -0.53 -9.01 14.72
CA ASP B 438 -0.32 -9.46 16.08
C ASP B 438 0.47 -8.46 16.90
N TYR B 439 1.04 -7.42 16.28
CA TYR B 439 1.98 -6.56 16.95
C TYR B 439 1.62 -5.08 16.97
N ILE B 440 0.78 -4.61 16.05
CA ILE B 440 0.45 -3.19 16.00
C ILE B 440 -1.00 -3.01 15.60
N SER B 441 -1.66 -2.04 16.22
CA SER B 441 -3.03 -1.66 15.89
C SER B 441 -3.09 -0.14 15.81
N ILE B 442 -3.61 0.38 14.71
CA ILE B 442 -3.70 1.82 14.47
C ILE B 442 -5.18 2.19 14.41
N CYS B 443 -5.59 3.11 15.28
CA CYS B 443 -7.01 3.43 15.42
C CYS B 443 -7.18 4.94 15.60
N GLY B 444 -8.43 5.37 15.46
CA GLY B 444 -8.84 6.72 15.82
C GLY B 444 -10.08 6.66 16.70
N LEU B 445 -10.74 7.80 16.92
CA LEU B 445 -11.92 7.85 17.78
C LEU B 445 -13.05 8.60 17.08
N ARG B 446 -14.27 8.18 17.39
CA ARG B 446 -15.47 8.81 16.82
C ARG B 446 -16.59 8.75 17.85
N THR B 447 -17.52 9.69 17.75
CA THR B 447 -18.69 9.69 18.61
C THR B 447 -19.91 10.13 17.80
N HIS B 448 -21.07 10.07 18.44
CA HIS B 448 -22.31 10.46 17.79
C HIS B 448 -23.21 11.17 18.80
N GLY B 449 -24.17 11.91 18.26
CA GLY B 449 -25.13 12.62 19.06
C GLY B 449 -26.38 12.90 18.24
N GLU B 450 -27.15 13.89 18.70
CA GLU B 450 -28.39 14.27 18.01
C GLU B 450 -28.41 15.77 17.82
N LEU B 451 -28.81 16.20 16.61
CA LEU B 451 -28.96 17.62 16.30
C LEU B 451 -29.93 17.76 15.14
N GLY B 452 -30.90 18.65 15.29
CA GLY B 452 -31.89 18.84 14.25
C GLY B 452 -32.81 17.67 14.04
N GLY B 453 -33.03 16.85 15.07
CA GLY B 453 -33.95 15.74 15.01
C GLY B 453 -33.38 14.44 14.49
N HIS B 454 -32.09 14.37 14.20
CA HIS B 454 -31.51 13.17 13.63
C HIS B 454 -30.09 12.99 14.18
N PRO B 455 -29.57 11.76 14.16
CA PRO B 455 -28.22 11.53 14.66
C PRO B 455 -27.17 12.23 13.81
N VAL B 456 -26.11 12.69 14.49
CA VAL B 456 -24.96 13.31 13.84
C VAL B 456 -23.71 12.67 14.42
N SER B 457 -22.61 12.76 13.67
CA SER B 457 -21.37 12.13 14.08
C SER B 457 -20.20 13.05 13.79
N GLU B 458 -19.15 12.91 14.59
CA GLU B 458 -17.91 13.64 14.38
C GLU B 458 -16.78 12.87 15.02
N LEU B 459 -15.60 12.95 14.43
CA LEU B 459 -14.43 12.37 15.05
C LEU B 459 -14.10 13.10 16.34
N ILE B 460 -13.49 12.38 17.28
CA ILE B 460 -12.92 12.99 18.47
C ILE B 460 -11.48 13.38 18.14
N TYR B 461 -11.18 14.67 18.22
CA TYR B 461 -9.87 15.17 17.81
C TYR B 461 -8.85 14.81 18.88
N ILE B 462 -7.94 13.90 18.53
CA ILE B 462 -6.88 13.48 19.44
C ILE B 462 -5.74 14.51 19.33
N HIS B 463 -5.69 15.44 20.27
CA HIS B 463 -4.62 16.41 20.36
C HIS B 463 -3.54 15.99 21.34
N SER B 464 -3.71 14.85 22.02
CA SER B 464 -2.77 14.37 23.02
C SER B 464 -1.38 14.19 22.42
N LYS B 465 -0.37 14.16 23.31
CA LYS B 465 1.02 13.84 22.97
C LYS B 465 1.58 12.98 24.10
N VAL B 466 1.12 11.74 24.19
CA VAL B 466 1.43 10.87 25.32
C VAL B 466 1.94 9.52 24.81
N LEU B 467 2.89 8.95 25.54
CA LEU B 467 3.38 7.59 25.31
C LEU B 467 3.38 6.87 26.64
N ILE B 468 2.88 5.63 26.65
CA ILE B 468 2.94 4.76 27.82
C ILE B 468 3.72 3.51 27.42
N ALA B 469 4.66 3.10 28.27
CA ALA B 469 5.44 1.89 28.05
C ALA B 469 5.30 0.96 29.26
N ASP B 470 4.91 -0.28 29.01
CA ASP B 470 4.99 -1.39 29.97
C ASP B 470 4.22 -1.14 31.25
N ASP B 471 3.21 -0.27 31.23
CA ASP B 471 2.45 0.09 32.44
C ASP B 471 3.38 0.61 33.54
N ARG B 472 4.51 1.20 33.16
CA ARG B 472 5.47 1.68 34.13
C ARG B 472 6.07 3.04 33.80
N THR B 473 6.06 3.47 32.55
CA THR B 473 6.73 4.69 32.11
C THR B 473 5.77 5.50 31.25
N VAL B 474 5.73 6.81 31.48
CA VAL B 474 4.88 7.71 30.72
C VAL B 474 5.69 8.93 30.27
N ILE B 475 5.47 9.36 29.04
CA ILE B 475 5.93 10.65 28.54
C ILE B 475 4.69 11.48 28.20
N ILE B 476 4.59 12.66 28.82
CA ILE B 476 3.53 13.62 28.51
C ILE B 476 4.19 14.94 28.17
N GLY B 477 3.75 15.57 27.09
CA GLY B 477 4.31 16.85 26.72
C GLY B 477 3.55 17.53 25.61
N SER B 478 4.19 18.52 25.02
CA SER B 478 3.65 19.24 23.87
C SER B 478 4.13 18.68 22.54
N ALA B 479 5.04 17.72 22.55
CA ALA B 479 5.75 17.31 21.34
C ALA B 479 4.93 16.30 20.55
N ASN B 480 4.57 16.67 19.33
CA ASN B 480 4.00 15.73 18.38
C ASN B 480 5.09 14.79 17.85
N ILE B 481 4.66 13.70 17.24
CA ILE B 481 5.60 12.77 16.59
C ILE B 481 5.77 13.26 15.16
N ASN B 482 6.68 14.21 15.00
CA ASN B 482 7.09 14.71 13.69
C ASN B 482 8.42 15.43 13.87
N ASP B 483 9.04 15.78 12.75
CA ASP B 483 10.33 16.47 12.79
C ASP B 483 10.20 17.85 13.42
N ARG B 484 9.06 18.53 13.20
CA ARG B 484 8.87 19.87 13.76
C ARG B 484 9.05 19.87 15.28
N SER B 485 8.50 18.87 15.96
CA SER B 485 8.55 18.83 17.42
C SER B 485 9.80 18.17 17.98
N LEU B 486 10.36 17.17 17.28
CA LEU B 486 11.36 16.30 17.87
C LEU B 486 12.80 16.68 17.55
N LEU B 487 13.04 17.39 16.45
CA LEU B 487 14.42 17.64 16.03
C LEU B 487 15.13 18.67 16.90
N GLY B 488 14.40 19.48 17.64
CA GLY B 488 15.03 20.48 18.48
C GLY B 488 15.31 21.78 17.75
N LYS B 489 15.85 21.67 16.53
CA LYS B 489 16.16 22.85 15.72
C LYS B 489 14.93 23.57 15.20
N ARG B 490 13.73 23.00 15.36
CA ARG B 490 12.54 23.63 14.80
C ARG B 490 11.66 24.20 15.90
N ASP B 491 10.45 23.67 16.10
CA ASP B 491 9.60 24.17 17.16
C ASP B 491 10.20 23.85 18.52
N SER B 492 9.97 24.75 19.49
CA SER B 492 10.37 24.49 20.87
C SER B 492 9.24 23.77 21.59
N GLU B 493 9.60 22.77 22.40
CA GLU B 493 8.65 21.85 23.01
C GLU B 493 9.12 21.48 24.41
N LEU B 494 8.17 20.99 25.22
CA LEU B 494 8.44 20.48 26.56
C LEU B 494 7.81 19.12 26.74
N ALA B 495 8.39 18.32 27.63
CA ALA B 495 7.80 17.04 28.02
C ALA B 495 8.39 16.63 29.37
N VAL B 496 7.70 15.72 30.04
CA VAL B 496 8.21 15.09 31.25
C VAL B 496 8.20 13.59 31.05
N LEU B 497 9.28 12.94 31.46
CA LEU B 497 9.37 11.49 31.52
C LEU B 497 9.04 11.06 32.94
N ILE B 498 7.97 10.30 33.10
CA ILE B 498 7.46 9.92 34.41
C ILE B 498 7.63 8.42 34.58
N GLU B 499 8.46 8.03 35.55
CA GLU B 499 8.76 6.63 35.82
C GLU B 499 8.25 6.26 37.20
N ASP B 500 7.50 5.17 37.29
CA ASP B 500 6.95 4.75 38.57
C ASP B 500 8.03 4.08 39.42
N THR B 501 8.04 4.42 40.70
CA THR B 501 8.84 3.71 41.70
C THR B 501 7.97 3.01 42.73
N GLU B 502 6.64 3.16 42.65
CA GLU B 502 5.71 2.38 43.46
C GLU B 502 4.83 1.57 42.52
N THR B 503 4.56 0.32 42.90
CA THR B 503 3.88 -0.61 42.02
C THR B 503 2.66 -1.21 42.71
N GLU B 504 1.86 -1.91 41.91
CA GLU B 504 0.72 -2.67 42.41
C GLU B 504 0.57 -3.92 41.56
N PRO B 505 0.02 -5.00 42.12
CA PRO B 505 -0.09 -6.25 41.35
C PRO B 505 -1.03 -6.10 40.16
N SER B 506 -0.60 -6.58 39.01
CA SER B 506 -1.38 -6.51 37.78
C SER B 506 -1.06 -7.77 36.96
N LEU B 507 -1.38 -7.73 35.67
CA LEU B 507 -1.15 -8.85 34.78
C LEU B 507 -0.42 -8.39 33.53
N MET B 508 0.40 -9.29 32.97
CA MET B 508 1.10 -9.02 31.71
C MET B 508 1.17 -10.34 30.95
N ASN B 509 0.30 -10.48 29.94
CA ASN B 509 0.11 -11.74 29.21
C ASN B 509 -0.07 -12.91 30.18
N GLY B 510 -0.99 -12.74 31.13
CA GLY B 510 -1.32 -13.77 32.10
C GLY B 510 -0.39 -13.87 33.28
N ALA B 511 0.81 -13.30 33.20
CA ALA B 511 1.78 -13.40 34.29
C ALA B 511 1.55 -12.32 35.33
N GLU B 512 1.81 -12.67 36.58
CA GLU B 512 1.77 -11.68 37.66
C GLU B 512 2.85 -10.63 37.41
N TYR B 513 2.45 -9.37 37.50
CA TYR B 513 3.29 -8.26 37.04
C TYR B 513 3.07 -7.07 37.95
N GLN B 514 4.16 -6.48 38.45
CA GLN B 514 4.09 -5.28 39.28
C GLN B 514 4.07 -4.08 38.36
N ALA B 515 2.90 -3.49 38.16
CA ALA B 515 2.74 -2.33 37.29
C ALA B 515 2.87 -1.05 38.10
N GLY B 516 3.34 0.01 37.44
CA GLY B 516 3.48 1.28 38.12
C GLY B 516 2.13 1.96 38.33
N ARG B 517 1.98 2.59 39.49
CA ARG B 517 0.69 3.16 39.88
C ARG B 517 0.27 4.31 38.97
N PHE B 518 1.21 5.18 38.61
CA PHE B 518 0.88 6.31 37.74
C PHE B 518 0.54 5.84 36.33
N ALA B 519 1.40 4.99 35.76
CA ALA B 519 1.21 4.56 34.38
C ALA B 519 0.00 3.65 34.24
N LEU B 520 -0.20 2.73 35.20
CA LEU B 520 -1.32 1.81 35.09
C LEU B 520 -2.65 2.53 35.19
N SER B 521 -2.76 3.51 36.11
CA SER B 521 -4.01 4.23 36.26
C SER B 521 -4.34 5.04 35.01
N LEU B 522 -3.32 5.66 34.40
CA LEU B 522 -3.53 6.39 33.16
C LEU B 522 -3.93 5.45 32.03
N ARG B 523 -3.20 4.35 31.86
CA ARG B 523 -3.49 3.42 30.78
C ARG B 523 -4.91 2.85 30.90
N LYS B 524 -5.30 2.45 32.11
CA LYS B 524 -6.64 1.90 32.31
C LYS B 524 -7.71 2.96 32.06
N HIS B 525 -7.43 4.22 32.41
CA HIS B 525 -8.38 5.28 32.17
C HIS B 525 -8.55 5.54 30.68
N CYS B 526 -7.46 5.49 29.91
CA CYS B 526 -7.56 5.60 28.47
C CYS B 526 -8.33 4.43 27.88
N PHE B 527 -7.97 3.20 28.26
CA PHE B 527 -8.65 2.03 27.73
C PHE B 527 -10.13 2.05 28.08
N GLY B 528 -10.47 2.38 29.34
CA GLY B 528 -11.85 2.33 29.77
C GLY B 528 -12.75 3.32 29.05
N VAL B 529 -12.26 4.54 28.86
CA VAL B 529 -13.04 5.56 28.15
C VAL B 529 -13.19 5.19 26.68
N ILE B 530 -12.08 4.77 26.06
CA ILE B 530 -12.09 4.48 24.63
C ILE B 530 -13.04 3.32 24.31
N LEU B 531 -13.09 2.32 25.19
CA LEU B 531 -13.89 1.13 24.98
C LEU B 531 -15.30 1.24 25.54
N GLY B 532 -15.61 2.33 26.24
CA GLY B 532 -16.91 2.47 26.86
C GLY B 532 -17.13 1.49 27.99
N ALA B 533 -16.11 1.36 28.86
CA ALA B 533 -16.19 0.41 29.96
C ALA B 533 -17.35 0.69 30.91
N ASN B 534 -17.82 1.94 30.96
CA ASN B 534 -18.98 2.25 31.80
C ASN B 534 -20.20 1.47 31.37
N THR B 535 -20.30 1.14 30.08
CA THR B 535 -21.44 0.40 29.55
C THR B 535 -21.22 -1.10 29.55
N ARG B 536 -19.97 -1.56 29.46
CA ARG B 536 -19.65 -2.98 29.50
C ARG B 536 -18.82 -3.29 30.74
N PRO B 537 -19.43 -3.74 31.84
CA PRO B 537 -18.63 -4.12 33.01
C PRO B 537 -17.91 -5.45 32.84
N ASP B 538 -18.31 -6.28 31.86
CA ASP B 538 -17.68 -7.58 31.66
C ASP B 538 -16.26 -7.49 31.14
N LEU B 539 -15.78 -6.29 30.81
CA LEU B 539 -14.48 -6.11 30.19
C LEU B 539 -13.38 -6.07 31.25
N ASP B 540 -12.35 -6.89 31.06
CA ASP B 540 -11.20 -6.93 31.96
C ASP B 540 -10.07 -6.12 31.35
N LEU B 541 -9.61 -5.12 32.07
CA LEU B 541 -8.57 -4.21 31.59
C LEU B 541 -7.22 -4.44 32.26
N ARG B 542 -7.09 -5.48 33.09
CA ARG B 542 -5.84 -5.69 33.82
C ARG B 542 -4.68 -6.01 32.89
N ASP B 543 -4.92 -6.89 31.91
CA ASP B 543 -3.86 -7.38 31.04
C ASP B 543 -3.91 -6.64 29.72
N PRO B 544 -2.87 -5.90 29.34
CA PRO B 544 -2.91 -5.11 28.12
C PRO B 544 -2.34 -5.80 26.87
N ILE B 545 -1.82 -7.02 26.95
CA ILE B 545 -1.16 -7.64 25.81
C ILE B 545 -1.63 -9.06 25.52
N CYS B 546 -2.50 -9.64 26.35
CA CYS B 546 -2.95 -11.01 26.09
C CYS B 546 -3.72 -11.07 24.76
N ASP B 547 -3.73 -12.27 24.16
CA ASP B 547 -4.39 -12.46 22.87
C ASP B 547 -5.86 -12.03 22.92
N ASP B 548 -6.56 -12.38 23.99
CA ASP B 548 -7.99 -12.10 24.06
C ASP B 548 -8.28 -10.61 24.01
N PHE B 549 -7.55 -9.83 24.80
CA PHE B 549 -7.83 -8.39 24.83
C PHE B 549 -7.40 -7.71 23.54
N PHE B 550 -6.22 -8.06 23.01
CA PHE B 550 -5.75 -7.40 21.81
C PHE B 550 -6.65 -7.69 20.61
N GLN B 551 -7.21 -8.90 20.54
CA GLN B 551 -8.18 -9.20 19.49
C GLN B 551 -9.50 -8.49 19.75
N LEU B 552 -9.89 -8.39 21.01
CA LEU B 552 -11.10 -7.63 21.38
C LEU B 552 -10.97 -6.17 20.98
N TRP B 553 -9.80 -5.57 21.21
CA TRP B 553 -9.53 -4.21 20.75
C TRP B 553 -9.72 -4.10 19.25
N GLN B 554 -9.11 -5.02 18.49
CA GLN B 554 -9.23 -5.00 17.03
C GLN B 554 -10.68 -5.19 16.60
N ASP B 555 -11.40 -6.12 17.22
CA ASP B 555 -12.77 -6.41 16.83
C ASP B 555 -13.70 -5.23 17.12
N MET B 556 -13.47 -4.55 18.24
CA MET B 556 -14.27 -3.38 18.56
C MET B 556 -14.02 -2.25 17.57
N ALA B 557 -12.74 -1.98 17.26
CA ALA B 557 -12.42 -0.95 16.29
C ALA B 557 -13.05 -1.24 14.94
N GLU B 558 -13.08 -2.53 14.56
CA GLU B 558 -13.68 -2.91 13.28
C GLU B 558 -15.20 -2.81 13.32
N SER B 559 -15.81 -3.27 14.42
CA SER B 559 -17.27 -3.26 14.52
C SER B 559 -17.81 -1.84 14.57
N ASN B 560 -17.20 -0.97 15.38
CA ASN B 560 -17.66 0.42 15.46
C ASN B 560 -17.50 1.12 14.12
N ALA B 561 -16.35 0.95 13.47
CA ALA B 561 -16.11 1.60 12.18
C ALA B 561 -17.14 1.16 11.15
N ASN B 562 -17.52 -0.13 11.16
CA ASN B 562 -18.49 -0.63 10.20
C ASN B 562 -19.88 -0.05 10.45
N ILE B 563 -20.25 0.14 11.73
CA ILE B 563 -21.55 0.71 12.03
C ILE B 563 -21.60 2.17 11.61
N TYR B 564 -20.55 2.93 11.95
CA TYR B 564 -20.52 4.34 11.59
C TYR B 564 -20.54 4.53 10.07
N GLU B 565 -19.85 3.65 9.34
CA GLU B 565 -19.88 3.72 7.88
C GLU B 565 -21.27 3.38 7.35
N GLN B 566 -21.95 2.42 7.98
CA GLN B 566 -23.28 2.01 7.51
C GLN B 566 -24.32 3.10 7.77
N ILE B 567 -24.16 3.88 8.82
CA ILE B 567 -25.17 4.85 9.25
C ILE B 567 -24.87 6.25 8.74
N PHE B 568 -23.59 6.65 8.74
CA PHE B 568 -23.23 8.01 8.39
C PHE B 568 -22.46 8.13 7.08
N ARG B 569 -21.94 7.02 6.54
CA ARG B 569 -21.06 7.06 5.38
C ARG B 569 -19.95 8.10 5.59
N CYS B 570 -19.41 8.13 6.80
CA CYS B 570 -18.49 9.18 7.20
C CYS B 570 -17.09 8.92 6.65
N LEU B 571 -16.37 10.00 6.43
CA LEU B 571 -15.00 10.02 5.93
C LEU B 571 -14.04 10.42 7.05
N PRO B 572 -12.79 9.92 7.04
CA PRO B 572 -12.18 9.06 6.02
C PRO B 572 -12.72 7.63 6.03
N SER B 573 -12.54 6.93 4.90
CA SER B 573 -13.11 5.61 4.73
C SER B 573 -12.29 4.82 3.73
N ASN B 574 -12.23 3.51 3.95
CA ASN B 574 -11.65 2.61 2.96
C ASN B 574 -12.53 2.46 1.72
N ALA B 575 -13.77 2.93 1.77
CA ALA B 575 -14.66 2.82 0.62
C ALA B 575 -14.27 3.77 -0.51
N THR B 576 -13.54 4.85 -0.21
CA THR B 576 -13.21 5.88 -1.18
C THR B 576 -11.70 5.92 -1.35
N ARG B 577 -11.19 5.16 -2.34
CA ARG B 577 -9.76 5.09 -2.59
C ARG B 577 -9.29 6.07 -3.64
N SER B 578 -10.20 6.76 -4.33
CA SER B 578 -9.82 7.78 -5.29
C SER B 578 -10.74 8.98 -5.14
N LEU B 579 -10.27 10.14 -5.62
CA LEU B 579 -11.13 11.31 -5.65
C LEU B 579 -12.33 11.10 -6.57
N ARG B 580 -12.17 10.22 -7.57
CA ARG B 580 -13.29 9.91 -8.46
C ARG B 580 -14.39 9.16 -7.71
N THR B 581 -14.02 8.08 -7.02
CA THR B 581 -15.02 7.31 -6.28
C THR B 581 -15.54 8.11 -5.09
N LEU B 582 -14.72 8.99 -4.53
CA LEU B 582 -15.18 9.83 -3.43
C LEU B 582 -16.32 10.74 -3.87
N ARG B 583 -16.17 11.39 -5.04
CA ARG B 583 -17.19 12.30 -5.52
C ARG B 583 -18.51 11.59 -5.84
N GLU B 584 -18.46 10.30 -6.22
CA GLU B 584 -19.69 9.54 -6.33
C GLU B 584 -20.22 9.13 -4.96
N TYR B 585 -19.32 8.86 -4.01
CA TYR B 585 -19.72 8.34 -2.70
C TYR B 585 -20.44 9.41 -1.88
N VAL B 586 -19.96 10.66 -1.92
CA VAL B 586 -20.59 11.71 -1.14
C VAL B 586 -21.93 12.12 -1.71
N ALA B 587 -22.22 11.77 -2.96
CA ALA B 587 -23.49 12.09 -3.60
C ALA B 587 -24.61 11.15 -3.19
N VAL B 588 -24.46 10.46 -2.07
CA VAL B 588 -25.47 9.55 -1.54
C VAL B 588 -25.84 10.03 -0.14
N GLU B 589 -27.13 10.16 0.12
CA GLU B 589 -27.57 10.59 1.46
C GLU B 589 -27.50 9.42 2.42
N PRO B 590 -26.88 9.59 3.58
CA PRO B 590 -26.73 8.47 4.52
C PRO B 590 -28.02 8.19 5.30
N LEU B 591 -28.07 6.98 5.85
CA LEU B 591 -29.23 6.53 6.62
C LEU B 591 -29.55 7.44 7.80
N ALA B 592 -28.56 8.18 8.31
CA ALA B 592 -28.77 9.04 9.46
C ALA B 592 -29.90 10.05 9.21
N THR B 593 -29.89 10.68 8.03
CA THR B 593 -30.92 11.65 7.71
C THR B 593 -32.09 11.05 6.92
N VAL B 594 -31.90 9.87 6.34
CA VAL B 594 -32.98 9.24 5.58
C VAL B 594 -33.99 8.60 6.52
N SER B 595 -33.53 7.92 7.57
CA SER B 595 -34.40 7.25 8.53
C SER B 595 -33.82 7.40 9.92
N PRO B 596 -33.98 8.58 10.53
CA PRO B 596 -33.37 8.84 11.85
C PRO B 596 -33.76 7.81 12.91
N PRO B 597 -35.03 7.38 12.98
CA PRO B 597 -35.36 6.37 14.01
C PRO B 597 -34.61 5.06 13.82
N LEU B 598 -34.41 4.63 12.58
CA LEU B 598 -33.69 3.39 12.34
C LEU B 598 -32.19 3.57 12.52
N ALA B 599 -31.64 4.69 12.06
CA ALA B 599 -30.24 5.00 12.33
C ALA B 599 -29.99 5.05 13.83
N ARG B 600 -30.87 5.73 14.57
CA ARG B 600 -30.74 5.83 16.02
C ARG B 600 -30.74 4.45 16.67
N SER B 601 -31.50 3.50 16.11
CA SER B 601 -31.52 2.15 16.66
C SER B 601 -30.27 1.37 16.29
N GLU B 602 -29.76 1.56 15.07
CA GLU B 602 -28.55 0.83 14.70
C GLU B 602 -27.33 1.36 15.42
N LEU B 603 -27.36 2.63 15.84
CA LEU B 603 -26.22 3.22 16.53
C LEU B 603 -26.10 2.75 17.98
N THR B 604 -27.14 2.14 18.54
CA THR B 604 -27.03 1.60 19.90
C THR B 604 -26.06 0.43 19.98
N GLN B 605 -25.64 -0.13 18.84
CA GLN B 605 -24.67 -1.20 18.83
C GLN B 605 -23.23 -0.70 18.88
N VAL B 606 -23.01 0.61 18.80
CA VAL B 606 -21.67 1.15 18.94
C VAL B 606 -21.25 1.06 20.41
N GLN B 607 -20.05 0.55 20.66
CA GLN B 607 -19.53 0.39 22.00
C GLN B 607 -18.26 1.22 22.13
N GLY B 608 -18.31 2.26 22.96
CA GLY B 608 -17.16 3.12 23.10
C GLY B 608 -16.98 4.02 21.88
N HIS B 609 -15.74 4.49 21.71
CA HIS B 609 -15.39 5.40 20.63
C HIS B 609 -14.35 4.85 19.67
N LEU B 610 -13.78 3.67 19.95
CA LEU B 610 -12.68 3.15 19.16
C LEU B 610 -13.14 2.78 17.75
N VAL B 611 -12.45 3.31 16.75
CA VAL B 611 -12.73 2.99 15.36
C VAL B 611 -11.41 2.69 14.65
N HIS B 612 -11.46 1.77 13.70
CA HIS B 612 -10.27 1.45 12.92
C HIS B 612 -9.83 2.66 12.11
N PHE B 613 -8.52 2.87 12.07
CA PHE B 613 -7.96 3.93 11.23
C PHE B 613 -7.93 3.45 9.78
N PRO B 614 -8.66 4.07 8.86
CA PRO B 614 -8.72 3.54 7.49
C PRO B 614 -7.43 3.75 6.73
N LEU B 615 -6.69 2.66 6.51
CA LEU B 615 -5.36 2.73 5.89
C LEU B 615 -5.40 2.85 4.38
N LYS B 616 -6.59 2.81 3.77
CA LYS B 616 -6.71 2.80 2.31
C LYS B 616 -7.43 4.03 1.78
N PHE B 617 -7.69 5.02 2.61
CA PHE B 617 -8.42 6.22 2.21
C PHE B 617 -7.61 7.00 1.18
N LEU B 618 -8.18 7.18 -0.02
CA LEU B 618 -7.54 7.93 -1.10
C LEU B 618 -6.16 7.38 -1.44
N GLU B 619 -6.01 6.06 -1.36
CA GLU B 619 -4.71 5.45 -1.59
C GLU B 619 -4.25 5.54 -3.05
N ASP B 620 -5.14 5.86 -3.98
CA ASP B 620 -4.78 5.98 -5.38
C ASP B 620 -4.37 7.40 -5.76
N GLU B 621 -4.35 8.34 -4.82
CA GLU B 621 -3.96 9.71 -5.08
C GLU B 621 -2.55 9.98 -4.56
N SER B 622 -1.95 11.06 -5.08
CA SER B 622 -0.60 11.42 -4.66
C SER B 622 -0.60 12.17 -3.34
N LEU B 623 -1.62 12.99 -3.08
CA LEU B 623 -1.88 13.64 -1.80
C LEU B 623 -0.89 14.77 -1.48
N LEU B 624 0.21 14.87 -2.22
CA LEU B 624 1.09 16.00 -1.99
C LEU B 624 0.51 17.25 -2.64
N PRO B 625 0.78 18.42 -2.06
CA PRO B 625 0.21 19.67 -2.60
C PRO B 625 0.67 19.91 -4.02
N PRO B 626 -0.25 20.16 -4.96
CA PRO B 626 0.06 20.37 -6.38
C PRO B 626 0.97 21.58 -6.60
N GLY B 632 2.07 24.01 -1.88
CA GLY B 632 2.93 23.75 -3.02
C GLY B 632 4.20 24.56 -2.97
N MET B 633 4.08 25.88 -3.07
CA MET B 633 5.21 26.80 -2.98
C MET B 633 5.70 27.01 -1.55
N ILE B 634 5.31 26.12 -0.64
CA ILE B 634 5.75 26.16 0.75
C ILE B 634 6.83 25.09 0.91
N PRO B 635 7.87 25.32 1.71
CA PRO B 635 8.87 24.27 1.93
C PRO B 635 8.25 22.99 2.46
N LEU B 636 8.82 21.86 2.04
CA LEU B 636 8.28 20.56 2.41
C LEU B 636 8.28 20.37 3.92
N GLU B 637 9.33 20.85 4.60
CA GLU B 637 9.47 20.63 6.04
C GLU B 637 8.40 21.35 6.85
N VAL B 638 7.55 22.16 6.22
CA VAL B 638 6.43 22.77 6.94
C VAL B 638 5.47 21.71 7.46
N TRP B 639 5.40 20.56 6.78
CA TRP B 639 4.43 19.52 7.10
C TRP B 639 4.99 18.37 7.93
N THR B 640 6.30 18.25 8.06
CA THR B 640 6.90 17.02 8.59
C THR B 640 7.31 17.08 10.07
W WO4 C . 1.87 -20.66 -16.69
O1 WO4 C . 1.03 -21.97 -18.01
O2 WO4 C . 3.85 -21.08 -16.56
O3 WO4 C . 1.51 -18.78 -17.40
O4 WO4 C . 0.97 -20.93 -14.87
S SO4 D . 14.77 -31.59 -2.15
O1 SO4 D . 15.60 -32.79 -2.20
O2 SO4 D . 13.46 -31.87 -2.74
O3 SO4 D . 15.43 -30.52 -2.90
O4 SO4 D . 14.59 -31.16 -0.77
S SO4 E . 8.98 -35.91 -4.31
O1 SO4 E . 10.37 -35.89 -3.85
O2 SO4 E . 8.93 -36.58 -5.61
O3 SO4 E . 8.49 -34.55 -4.45
O4 SO4 E . 8.17 -36.65 -3.36
S SO4 F . 4.98 -3.42 -43.85
O1 SO4 F . 6.07 -3.45 -44.79
O2 SO4 F . 4.80 -4.74 -43.25
O3 SO4 F . 3.73 -3.03 -44.53
O4 SO4 F . 5.28 -2.44 -42.81
S SO4 G . 8.60 -23.32 2.90
O1 SO4 G . 9.39 -24.21 2.05
O2 SO4 G . 8.60 -23.83 4.27
O3 SO4 G . 7.23 -23.26 2.39
O4 SO4 G . 9.18 -21.99 2.87
C1 GOL H . -19.30 -29.75 -5.77
O1 GOL H . -18.24 -30.36 -6.44
C2 GOL H . -18.90 -29.75 -4.28
O2 GOL H . -19.14 -30.97 -3.67
C3 GOL H . -19.69 -28.59 -3.64
O3 GOL H . -20.97 -28.60 -4.20
C1 GOL I . -5.22 10.58 -34.95
O1 GOL I . -4.72 9.43 -34.36
C2 GOL I . -5.70 11.47 -33.79
O2 GOL I . -5.73 12.81 -34.14
C3 GOL I . -7.08 10.92 -33.45
O3 GOL I . -7.96 11.35 -34.43
C1 GOL J . 16.25 5.90 -10.23
O1 GOL J . 15.92 5.63 -8.91
C2 GOL J . 14.93 6.26 -10.93
O2 GOL J . 14.16 7.14 -10.19
C3 GOL J . 14.24 4.94 -11.09
O3 GOL J . 13.27 5.14 -12.05
W WO4 K . -0.34 22.11 18.47
O1 WO4 K . -0.31 23.37 20.09
O2 WO4 K . 0.32 20.23 18.93
O3 WO4 K . -2.27 22.01 17.78
O4 WO4 K . 0.83 22.92 16.99
S SO4 L . 5.36 43.06 20.98
O1 SO4 L . 5.92 42.26 19.89
O2 SO4 L . 5.04 42.18 22.11
O3 SO4 L . 6.36 44.02 21.43
O4 SO4 L . 4.17 43.76 20.54
S SO4 M . 5.45 -13.34 27.38
O1 SO4 M . 5.74 -13.54 25.96
O2 SO4 M . 6.69 -13.48 28.14
O3 SO4 M . 4.48 -14.33 27.84
O4 SO4 M . 4.91 -12.01 27.59
C1 GOL N . 1.30 43.13 16.02
O1 GOL N . 1.01 43.61 17.30
C2 GOL N . 0.19 42.14 15.65
O2 GOL N . 0.42 41.50 14.45
C3 GOL N . -1.07 43.02 15.59
O3 GOL N . -1.23 43.54 16.87
C1 GOL O . -14.59 14.61 33.30
O1 GOL O . -15.45 13.80 32.56
C2 GOL O . -13.20 13.95 33.22
O2 GOL O . -13.20 12.69 33.79
C3 GOL O . -12.87 13.90 31.71
O3 GOL O . -12.04 14.96 31.44
C1 GOL P . -3.03 -8.77 4.73
O1 GOL P . -2.10 -9.11 5.71
C2 GOL P . -2.75 -7.31 4.38
O2 GOL P . -1.76 -7.17 3.42
C3 GOL P . -4.08 -6.70 3.92
O3 GOL P . -4.23 -5.51 4.64
#